data_5QJL
#
_entry.id   5QJL
#
_cell.length_a   48.890
_cell.length_b   59.510
_cell.length_c   79.980
_cell.angle_alpha   79.680
_cell.angle_beta   82.070
_cell.angle_gamma   76.200
#
_symmetry.space_group_name_H-M   'P 1'
#
loop_
_entity.id
_entity.type
_entity.pdbx_description
1 polymer 'ADP-sugar pyrophosphatase'
2 non-polymer 'MAGNESIUM ION'
3 non-polymer 'CHLORIDE ION'
4 non-polymer 1,2-ETHANEDIOL
5 non-polymer 1-methyl-N-(3-methylphenyl)-1H-pyrazolo[3,4-d]pyrimidin-4-amine
6 water water
#
_entity_poly.entity_id   1
_entity_poly.type   'polypeptide(L)'
_entity_poly.pdbx_seq_one_letter_code
;SMESQEPTESSQNGKQYIISEELISEGKWVKLEKTTYMDPTGKTRTWESVKRTTRKEQTADGVAVIPVLQRTLHYECIVL
VKQFRPPMGGYCIEFPAGLIDDGETPEAAALRELEEETGYKGDIAECSPAVCMDPGLSNCTIHIVTVTINGDDAENARPK
PKPGDGEFVEVISLPKNDLLQRLDALVAEEHLTVDARVYSYALALKHAN
;
_entity_poly.pdbx_strand_id   A,B,C,D
#
loop_
_chem_comp.id
_chem_comp.type
_chem_comp.name
_chem_comp.formula
CL non-polymer 'CHLORIDE ION' 'Cl -1'
EDO non-polymer 1,2-ETHANEDIOL 'C2 H6 O2'
JJM non-polymer 1-methyl-N-(3-methylphenyl)-1H-pyrazolo[3,4-d]pyrimidin-4-amine 'C13 H13 N5'
MG non-polymer 'MAGNESIUM ION' 'Mg 2'
#
# COMPACT_ATOMS: atom_id res chain seq x y z
N LYS A 15 33.17 31.65 9.43
CA LYS A 15 34.63 31.43 9.23
C LYS A 15 35.00 31.32 7.74
N GLN A 16 34.37 30.40 7.00
CA GLN A 16 34.81 30.06 5.62
C GLN A 16 34.15 30.78 4.52
N TYR A 17 34.91 30.92 3.43
CA TYR A 17 34.44 31.70 2.31
C TYR A 17 35.22 31.44 1.07
N ILE A 18 34.59 31.84 -0.02
CA ILE A 18 35.15 31.75 -1.35
C ILE A 18 36.14 32.88 -1.52
N ILE A 19 37.30 32.50 -2.03
CA ILE A 19 38.37 33.42 -2.52
C ILE A 19 38.30 33.67 -4.02
N SER A 20 38.22 32.62 -4.84
CA SER A 20 38.08 32.81 -6.26
C SER A 20 37.35 31.65 -6.97
N GLU A 21 36.74 31.92 -8.13
CA GLU A 21 36.14 30.85 -8.91
C GLU A 21 36.71 30.95 -10.32
N GLU A 22 37.43 29.94 -10.79
CA GLU A 22 38.09 29.95 -12.10
C GLU A 22 37.38 29.00 -13.05
N LEU A 23 36.98 29.48 -14.23
CA LEU A 23 36.30 28.62 -15.18
C LEU A 23 37.29 27.56 -15.67
N ILE A 24 36.94 26.31 -15.58
CA ILE A 24 37.72 25.26 -16.23
C ILE A 24 37.16 24.98 -17.64
N SER A 25 35.86 24.77 -17.76
CA SER A 25 35.23 24.41 -19.00
C SER A 25 33.77 24.76 -18.94
N GLU A 26 33.21 25.22 -20.05
CA GLU A 26 31.87 25.74 -20.09
C GLU A 26 31.15 25.22 -21.32
N GLY A 27 30.14 24.37 -21.11
CA GLY A 27 29.25 23.99 -22.19
C GLY A 27 28.10 24.93 -22.42
N LYS A 28 27.12 24.41 -23.13
CA LYS A 28 25.87 25.13 -23.35
C LYS A 28 25.03 25.22 -22.07
N TRP A 29 25.05 24.13 -21.28
CA TRP A 29 24.17 23.96 -20.12
C TRP A 29 24.87 23.90 -18.76
N VAL A 30 26.10 23.42 -18.75
CA VAL A 30 26.85 23.12 -17.51
C VAL A 30 28.27 23.70 -17.66
N LYS A 31 28.87 24.19 -16.56
CA LYS A 31 30.28 24.52 -16.49
C LYS A 31 30.93 23.90 -15.27
N LEU A 32 32.24 23.66 -15.35
CA LEU A 32 33.06 23.21 -14.31
C LEU A 32 34.01 24.33 -13.89
N GLU A 33 34.11 24.57 -12.59
CA GLU A 33 34.97 25.61 -12.01
C GLU A 33 35.96 25.04 -11.00
N LYS A 34 37.12 25.70 -10.88
CA LYS A 34 38.07 25.44 -9.81
C LYS A 34 37.81 26.48 -8.74
N THR A 35 37.36 26.05 -7.58
CA THR A 35 36.97 26.94 -6.53
C THR A 35 38.08 27.01 -5.50
N THR A 36 38.50 28.23 -5.16
CA THR A 36 39.45 28.40 -4.07
C THR A 36 38.71 29.01 -2.93
N TYR A 37 38.89 28.45 -1.76
CA TYR A 37 38.27 28.97 -0.52
C TYR A 37 39.14 28.88 0.70
N MET A 38 38.68 29.57 1.73
CA MET A 38 39.40 29.67 2.99
C MET A 38 38.83 28.71 4.01
N ASP A 39 39.71 27.83 4.49
CA ASP A 39 39.27 26.86 5.48
C ASP A 39 39.24 27.52 6.87
N PRO A 40 38.59 26.91 7.86
CA PRO A 40 38.46 27.59 9.16
C PRO A 40 39.76 27.69 9.97
N THR A 41 40.74 26.81 9.70
CA THR A 41 42.13 26.95 10.24
C THR A 41 42.90 28.15 9.62
N GLY A 42 42.33 28.86 8.63
CA GLY A 42 43.02 29.95 7.90
C GLY A 42 43.82 29.55 6.65
N LYS A 43 43.81 28.27 6.28
CA LYS A 43 44.47 27.78 5.08
C LYS A 43 43.52 27.79 3.82
N THR A 44 44.06 28.31 2.71
CA THR A 44 43.58 28.18 1.31
C THR A 44 43.46 26.71 0.80
N ARG A 45 42.27 26.31 0.30
CA ARG A 45 42.05 25.01 -0.31
C ARG A 45 41.23 25.18 -1.61
N THR A 46 41.24 24.15 -2.46
CA THR A 46 40.43 24.18 -3.67
C THR A 46 39.39 23.02 -3.72
N TRP A 47 38.51 23.14 -4.65
CA TRP A 47 37.38 22.19 -4.82
C TRP A 47 37.03 22.29 -6.30
N GLU A 48 36.43 21.27 -6.85
CA GLU A 48 35.95 21.31 -8.21
C GLU A 48 34.44 21.43 -8.14
N SER A 49 33.91 22.49 -8.71
CA SER A 49 32.48 22.85 -8.61
C SER A 49 31.77 22.84 -9.95
N VAL A 50 30.58 22.27 -9.94
CA VAL A 50 29.73 22.24 -11.09
C VAL A 50 28.66 23.32 -10.95
N LYS A 51 28.35 24.00 -12.04
CA LYS A 51 27.25 24.90 -12.05
C LYS A 51 26.50 24.84 -13.30
N ARG A 52 25.22 25.22 -13.29
CA ARG A 52 24.54 25.39 -14.57
C ARG A 52 24.84 26.76 -15.16
N THR A 53 24.76 26.85 -16.47
CA THR A 53 24.88 28.11 -17.18
C THR A 53 23.60 28.94 -17.34
N THR A 54 22.46 28.33 -17.03
CA THR A 54 21.17 28.84 -17.27
C THR A 54 20.56 29.65 -16.08
N ARG A 55 21.25 29.85 -14.96
CA ARG A 55 20.67 30.49 -13.77
C ARG A 55 20.89 31.97 -13.84
N LYS A 56 19.85 32.77 -13.77
CA LYS A 56 19.98 34.21 -13.98
C LYS A 56 19.70 34.93 -12.68
N GLU A 57 18.54 35.56 -12.59
CA GLU A 57 17.99 36.08 -11.29
C GLU A 57 17.01 35.11 -10.56
N GLN A 58 16.84 33.85 -10.99
CA GLN A 58 15.95 32.95 -10.24
C GLN A 58 16.56 32.75 -8.86
N THR A 59 15.69 32.51 -7.89
CA THR A 59 16.15 32.22 -6.54
C THR A 59 16.66 30.77 -6.48
N ALA A 60 16.57 30.07 -7.61
CA ALA A 60 17.01 28.69 -7.78
C ALA A 60 17.05 28.32 -9.23
N ASP A 61 17.72 27.20 -9.52
CA ASP A 61 17.72 26.69 -10.88
C ASP A 61 16.37 26.16 -11.34
N GLY A 62 15.77 25.38 -10.47
CA GLY A 62 14.59 24.71 -10.79
C GLY A 62 13.53 24.57 -9.70
N VAL A 63 12.52 23.81 -10.06
CA VAL A 63 11.48 23.35 -9.14
C VAL A 63 11.31 21.84 -9.25
N ALA A 64 10.93 21.22 -8.13
CA ALA A 64 10.38 19.86 -8.17
C ALA A 64 9.04 20.01 -7.46
N VAL A 65 8.07 19.26 -7.94
CA VAL A 65 6.73 19.35 -7.48
C VAL A 65 6.36 18.04 -6.73
N ILE A 66 5.84 18.23 -5.52
CA ILE A 66 5.25 17.14 -4.74
C ILE A 66 3.73 17.22 -5.01
N PRO A 67 3.18 16.35 -5.86
CA PRO A 67 1.81 16.57 -6.33
C PRO A 67 0.92 15.54 -5.66
N VAL A 68 0.10 16.01 -4.75
CA VAL A 68 -0.79 15.14 -3.97
C VAL A 68 -2.13 15.10 -4.63
N LEU A 69 -2.45 13.97 -5.26
CA LEU A 69 -3.65 13.78 -5.98
C LEU A 69 -4.72 13.34 -5.04
N GLN A 70 -5.79 14.14 -4.96
CA GLN A 70 -6.88 13.96 -3.93
C GLN A 70 -8.15 13.70 -4.60
N ARG A 71 -8.87 12.66 -4.17
CA ARG A 71 -10.08 12.27 -4.85
C ARG A 71 -10.97 11.65 -3.83
N THR A 72 -12.26 11.98 -3.98
CA THR A 72 -13.25 11.44 -3.02
C THR A 72 -13.25 9.89 -3.11
N LEU A 73 -13.19 9.30 -1.95
CA LEU A 73 -13.29 7.82 -1.77
C LEU A 73 -12.07 7.11 -2.39
N HIS A 74 -10.99 7.91 -2.53
CA HIS A 74 -9.63 7.36 -2.87
C HIS A 74 -8.61 7.75 -1.87
N TYR A 75 -7.62 6.86 -1.69
CA TYR A 75 -6.48 7.18 -0.92
C TYR A 75 -5.69 8.20 -1.74
N GLU A 76 -5.04 9.10 -1.05
CA GLU A 76 -4.21 10.17 -1.74
C GLU A 76 -3.12 9.47 -2.50
N CYS A 77 -2.77 9.97 -3.69
CA CYS A 77 -1.64 9.49 -4.42
C CYS A 77 -0.58 10.57 -4.55
N ILE A 78 0.66 10.14 -4.70
CA ILE A 78 1.76 11.00 -5.06
C ILE A 78 1.96 10.80 -6.54
N VAL A 79 1.98 11.88 -7.30
CA VAL A 79 2.11 11.72 -8.75
C VAL A 79 3.62 11.87 -9.12
N LEU A 80 4.15 10.89 -9.82
CA LEU A 80 5.58 10.82 -10.18
C LEU A 80 5.71 10.68 -11.68
N VAL A 81 6.90 10.96 -12.15
CA VAL A 81 7.14 10.85 -13.57
C VAL A 81 8.35 9.96 -13.80
N LYS A 82 8.33 9.25 -14.93
CA LYS A 82 9.40 8.31 -15.30
C LYS A 82 9.90 8.78 -16.66
N GLN A 83 11.20 8.96 -16.81
CA GLN A 83 11.78 9.53 -18.03
C GLN A 83 13.12 8.90 -18.23
N PHE A 84 13.61 8.93 -19.46
CA PHE A 84 15.04 8.63 -19.69
C PHE A 84 15.93 9.85 -19.34
N ARG A 85 16.97 9.60 -18.60
CA ARG A 85 17.94 10.61 -18.13
C ARG A 85 19.29 10.28 -18.72
N PRO A 86 19.67 11.04 -19.77
CA PRO A 86 20.97 10.80 -20.37
C PRO A 86 22.16 10.73 -19.40
N PRO A 87 22.27 11.64 -18.34
CA PRO A 87 23.36 11.46 -17.41
C PRO A 87 23.45 10.15 -16.72
N MET A 88 22.28 9.54 -16.50
CA MET A 88 22.21 8.29 -15.85
C MET A 88 22.29 7.11 -16.77
N GLY A 89 22.08 7.31 -18.08
CA GLY A 89 22.05 6.18 -19.02
C GLY A 89 20.89 5.25 -18.79
N GLY A 90 19.72 5.80 -18.39
CA GLY A 90 18.62 4.95 -18.05
C GLY A 90 17.44 5.77 -17.55
N TYR A 91 16.38 5.04 -17.27
CA TYR A 91 15.13 5.59 -16.76
C TYR A 91 15.13 5.87 -15.24
N CYS A 92 14.49 6.98 -14.85
CA CYS A 92 14.47 7.39 -13.46
C CYS A 92 13.08 7.74 -13.09
N ILE A 93 12.73 7.54 -11.84
CA ILE A 93 11.43 7.88 -11.33
C ILE A 93 11.66 9.06 -10.37
N GLU A 94 10.96 10.16 -10.63
CA GLU A 94 11.21 11.46 -9.98
C GLU A 94 9.90 12.23 -9.73
N PHE A 95 9.96 13.21 -8.82
CA PHE A 95 8.92 14.22 -8.76
C PHE A 95 8.92 14.97 -10.14
N PRO A 96 7.74 15.43 -10.63
CA PRO A 96 7.75 16.33 -11.77
C PRO A 96 8.63 17.56 -11.49
N ALA A 97 9.37 18.06 -12.47
CA ALA A 97 10.45 19.03 -12.22
C ALA A 97 10.86 19.67 -13.52
N GLY A 98 11.34 20.91 -13.42
CA GLY A 98 11.98 21.57 -14.55
C GLY A 98 12.70 22.80 -14.08
N LEU A 99 13.41 23.41 -15.01
CA LEU A 99 14.11 24.62 -14.63
C LEU A 99 13.12 25.83 -14.64
N ILE A 100 13.40 26.86 -13.87
CA ILE A 100 12.53 28.02 -13.75
C ILE A 100 12.87 28.94 -14.90
N ASP A 101 11.86 29.33 -15.69
CA ASP A 101 12.14 30.30 -16.85
C ASP A 101 12.52 31.65 -16.28
N ASP A 102 13.34 32.43 -17.00
CA ASP A 102 13.69 33.81 -16.54
C ASP A 102 12.40 34.64 -16.19
N GLY A 103 12.35 35.22 -15.01
CA GLY A 103 11.25 36.06 -14.58
C GLY A 103 10.04 35.27 -14.08
N GLU A 104 10.13 33.93 -14.09
CA GLU A 104 9.03 33.12 -13.73
C GLU A 104 9.14 32.88 -12.16
N THR A 105 8.03 32.84 -11.46
CA THR A 105 8.03 32.57 -10.04
C THR A 105 8.22 31.02 -9.81
N PRO A 106 8.78 30.63 -8.68
CA PRO A 106 8.85 29.12 -8.44
C PRO A 106 7.48 28.49 -8.49
N GLU A 107 6.49 29.13 -7.89
CA GLU A 107 5.10 28.59 -7.94
C GLU A 107 4.55 28.41 -9.35
N ALA A 108 4.73 29.40 -10.20
CA ALA A 108 4.21 29.33 -11.58
C ALA A 108 4.95 28.23 -12.33
N ALA A 109 6.27 28.15 -12.12
CA ALA A 109 7.08 27.13 -12.75
C ALA A 109 6.58 25.75 -12.35
N ALA A 110 6.36 25.56 -11.04
CA ALA A 110 5.85 24.30 -10.55
C ALA A 110 4.54 23.92 -11.15
N LEU A 111 3.58 24.84 -11.12
CA LEU A 111 2.28 24.53 -11.72
C LEU A 111 2.37 24.25 -13.21
N ARG A 112 3.17 25.00 -13.90
CA ARG A 112 3.36 24.84 -15.35
C ARG A 112 4.04 23.47 -15.67
N GLU A 113 5.17 23.18 -15.03
CA GLU A 113 5.83 21.89 -15.21
C GLU A 113 4.90 20.72 -14.86
N LEU A 114 4.18 20.79 -13.74
CA LEU A 114 3.26 19.74 -13.39
C LEU A 114 2.27 19.50 -14.53
N GLU A 115 1.69 20.59 -15.08
CA GLU A 115 0.74 20.41 -16.14
C GLU A 115 1.38 19.84 -17.38
N GLU A 116 2.57 20.37 -17.76
CA GLU A 116 3.27 19.86 -18.94
C GLU A 116 3.66 18.37 -18.89
N GLU A 117 4.10 17.95 -17.71
CA GLU A 117 4.64 16.59 -17.55
C GLU A 117 3.58 15.56 -17.25
N THR A 118 2.48 16.01 -16.64
CA THR A 118 1.44 15.12 -16.16
C THR A 118 0.04 15.31 -16.70
N GLY A 119 -0.28 16.50 -17.23
CA GLY A 119 -1.64 16.83 -17.55
C GLY A 119 -2.45 17.47 -16.40
N TYR A 120 -2.03 17.31 -15.13
CA TYR A 120 -2.82 17.75 -14.04
C TYR A 120 -2.62 19.23 -13.79
N LYS A 121 -3.72 19.87 -13.36
CA LYS A 121 -3.76 21.22 -12.94
C LYS A 121 -3.87 21.26 -11.43
N GLY A 122 -2.83 21.68 -10.78
CA GLY A 122 -2.71 21.65 -9.34
C GLY A 122 -3.11 22.96 -8.72
N ASP A 123 -3.13 22.98 -7.40
CA ASP A 123 -3.29 24.20 -6.52
C ASP A 123 -2.13 24.28 -5.62
N ILE A 124 -1.51 25.45 -5.53
CA ILE A 124 -0.35 25.54 -4.67
C ILE A 124 -0.77 25.26 -3.25
N ALA A 125 0.03 24.45 -2.57
CA ALA A 125 -0.01 24.32 -1.10
C ALA A 125 1.06 24.99 -0.34
N GLU A 126 2.34 24.77 -0.68
CA GLU A 126 3.47 25.37 0.05
C GLU A 126 4.64 25.40 -0.94
N CYS A 127 5.56 26.27 -0.63
CA CYS A 127 6.81 26.44 -1.41
C CYS A 127 8.02 26.55 -0.53
N SER A 128 9.02 25.69 -0.73
CA SER A 128 10.17 25.68 0.13
C SER A 128 11.08 26.85 -0.19
N PRO A 129 11.94 27.24 0.72
CA PRO A 129 13.11 27.99 0.26
C PRO A 129 14.00 27.15 -0.70
N ALA A 130 14.93 27.84 -1.34
CA ALA A 130 15.87 27.18 -2.16
C ALA A 130 16.67 26.15 -1.44
N VAL A 131 16.69 24.91 -1.97
CA VAL A 131 17.35 23.75 -1.32
C VAL A 131 18.34 23.15 -2.27
N CYS A 132 19.44 22.58 -1.74
CA CYS A 132 20.59 22.22 -2.62
C CYS A 132 20.45 20.78 -3.03
N MET A 133 20.73 20.56 -4.30
CA MET A 133 20.66 19.28 -4.94
C MET A 133 21.79 18.35 -4.59
N ASP A 134 23.02 18.84 -4.62
CA ASP A 134 24.17 17.93 -4.35
C ASP A 134 25.35 18.82 -3.99
N PRO A 135 25.40 19.29 -2.73
CA PRO A 135 26.14 20.51 -2.50
C PRO A 135 27.67 20.25 -2.39
N GLY A 136 28.09 19.00 -2.19
CA GLY A 136 29.55 18.71 -2.32
C GLY A 136 30.04 18.69 -3.77
N LEU A 137 29.14 18.89 -4.72
CA LEU A 137 29.46 18.84 -6.15
C LEU A 137 29.06 20.06 -6.97
N SER A 138 27.83 20.52 -6.78
CA SER A 138 27.24 21.55 -7.56
C SER A 138 26.64 22.65 -6.71
N ASN A 139 26.38 23.77 -7.36
CA ASN A 139 25.63 24.84 -6.71
C ASN A 139 24.15 24.75 -6.99
N CYS A 140 23.70 23.67 -7.59
CA CYS A 140 22.34 23.62 -8.14
C CYS A 140 21.33 23.57 -7.00
N THR A 141 20.28 24.36 -7.19
CA THR A 141 19.23 24.48 -6.17
C THR A 141 17.87 24.41 -6.87
N ILE A 142 16.89 23.97 -6.06
CA ILE A 142 15.49 24.01 -6.42
C ILE A 142 14.63 24.58 -5.32
N HIS A 143 13.43 24.99 -5.69
CA HIS A 143 12.30 25.01 -4.72
C HIS A 143 11.48 23.75 -4.86
N ILE A 144 11.13 23.17 -3.73
CA ILE A 144 10.23 22.03 -3.64
C ILE A 144 8.88 22.65 -3.39
N VAL A 145 8.00 22.45 -4.34
CA VAL A 145 6.62 23.04 -4.31
C VAL A 145 5.61 21.95 -4.12
N THR A 146 4.92 22.01 -2.98
CA THR A 146 3.83 21.04 -2.70
C THR A 146 2.56 21.58 -3.33
N VAL A 147 1.89 20.75 -4.11
CA VAL A 147 0.70 21.11 -4.83
C VAL A 147 -0.35 20.03 -4.61
N THR A 148 -1.58 20.42 -4.34
CA THR A 148 -2.68 19.47 -4.35
C THR A 148 -3.38 19.41 -5.69
N ILE A 149 -3.83 18.24 -6.12
CA ILE A 149 -4.53 18.10 -7.32
C ILE A 149 -5.94 17.64 -6.97
N ASN A 150 -6.96 18.40 -7.40
CA ASN A 150 -8.34 17.99 -7.02
C ASN A 150 -8.69 17.08 -8.16
N GLY A 151 -8.60 15.75 -7.94
CA GLY A 151 -8.90 14.82 -8.99
C GLY A 151 -10.39 14.61 -9.22
N ASP A 152 -11.24 15.26 -8.43
CA ASP A 152 -12.69 15.22 -8.77
C ASP A 152 -13.09 16.35 -9.75
N ASP A 153 -12.17 17.28 -10.02
CA ASP A 153 -12.49 18.35 -10.95
C ASP A 153 -12.39 17.79 -12.36
N ALA A 154 -13.31 18.21 -13.22
CA ALA A 154 -13.38 17.73 -14.62
C ALA A 154 -12.08 17.97 -15.43
N GLU A 155 -11.43 19.09 -15.16
CA GLU A 155 -10.10 19.41 -15.74
C GLU A 155 -9.09 18.28 -15.51
N ASN A 156 -9.22 17.53 -14.42
CA ASN A 156 -8.23 16.54 -14.08
C ASN A 156 -8.70 15.12 -14.29
N ALA A 157 -9.68 14.96 -15.20
CA ALA A 157 -10.36 13.66 -15.40
C ALA A 157 -9.49 12.77 -16.22
N ARG A 158 -9.22 13.15 -17.47
CA ARG A 158 -8.37 12.27 -18.33
C ARG A 158 -7.17 13.13 -18.73
N PRO A 159 -6.36 13.56 -17.73
CA PRO A 159 -5.27 14.51 -17.97
C PRO A 159 -4.25 13.96 -19.00
N LYS A 160 -3.93 14.77 -20.02
CA LYS A 160 -2.93 14.48 -21.06
C LYS A 160 -1.65 15.34 -20.84
N PRO A 161 -0.49 14.70 -20.58
CA PRO A 161 0.81 15.46 -20.66
C PRO A 161 0.92 16.35 -21.93
N LYS A 162 1.48 17.56 -21.80
CA LYS A 162 1.81 18.44 -22.94
C LYS A 162 3.30 18.63 -22.92
N PRO A 163 4.05 17.57 -23.26
CA PRO A 163 5.48 17.68 -23.10
C PRO A 163 6.06 18.56 -24.22
N GLY A 164 7.15 19.27 -23.93
CA GLY A 164 7.88 20.05 -24.94
C GLY A 164 8.57 19.18 -25.98
N ASP A 165 9.21 19.81 -26.96
CA ASP A 165 9.99 19.09 -27.98
C ASP A 165 11.15 18.34 -27.30
N GLY A 166 11.34 17.07 -27.64
CA GLY A 166 12.41 16.25 -27.05
C GLY A 166 12.23 15.82 -25.59
N GLU A 167 11.10 16.21 -24.97
CA GLU A 167 10.72 15.74 -23.62
C GLU A 167 9.76 14.58 -23.79
N PHE A 168 10.02 13.48 -23.06
CA PHE A 168 9.19 12.26 -23.13
C PHE A 168 9.01 11.68 -21.73
N VAL A 169 7.77 11.73 -21.24
CA VAL A 169 7.47 11.48 -19.85
C VAL A 169 6.29 10.52 -19.68
N GLU A 170 6.43 9.61 -18.73
CA GLU A 170 5.36 8.68 -18.33
C GLU A 170 4.98 9.06 -16.89
N VAL A 171 3.68 9.08 -16.60
CA VAL A 171 3.16 9.40 -15.31
C VAL A 171 2.86 8.15 -14.52
N ILE A 172 3.26 8.13 -13.24
CA ILE A 172 3.05 6.99 -12.34
C ILE A 172 2.50 7.54 -11.07
N SER A 173 1.25 7.24 -10.74
CA SER A 173 0.66 7.71 -9.47
C SER A 173 0.59 6.61 -8.45
N LEU A 174 1.16 6.82 -7.30
CA LEU A 174 1.27 5.77 -6.26
C LEU A 174 0.63 6.24 -4.98
N PRO A 175 -0.12 5.36 -4.25
CA PRO A 175 -0.70 5.78 -3.01
C PRO A 175 0.25 6.16 -2.00
N LYS A 176 0.00 7.33 -1.41
CA LYS A 176 0.86 7.84 -0.40
C LYS A 176 1.06 6.86 0.77
N ASN A 177 -0.02 6.15 1.14
CA ASN A 177 0.00 5.27 2.28
C ASN A 177 0.84 4.02 2.00
N ASP A 178 1.32 3.81 0.77
CA ASP A 178 2.19 2.60 0.52
C ASP A 178 3.36 2.95 -0.38
N LEU A 179 3.81 4.21 -0.37
CA LEU A 179 4.66 4.68 -1.46
C LEU A 179 6.04 3.90 -1.50
N LEU A 180 6.67 3.71 -0.35
CA LEU A 180 7.98 3.07 -0.30
C LEU A 180 7.88 1.63 -0.85
N GLN A 181 6.84 0.88 -0.51
CA GLN A 181 6.73 -0.49 -0.99
C GLN A 181 6.43 -0.51 -2.44
N ARG A 182 5.64 0.45 -2.93
CA ARG A 182 5.33 0.49 -4.36
C ARG A 182 6.48 0.86 -5.23
N LEU A 183 7.33 1.77 -4.69
CA LEU A 183 8.57 2.12 -5.33
C LEU A 183 9.52 0.90 -5.39
N ASP A 184 9.68 0.27 -4.25
CA ASP A 184 10.53 -0.98 -4.16
C ASP A 184 10.02 -2.02 -5.18
N ALA A 185 8.73 -2.22 -5.28
CA ALA A 185 8.16 -3.14 -6.26
C ALA A 185 8.42 -2.76 -7.71
N LEU A 186 8.42 -1.46 -8.04
CA LEU A 186 8.83 -1.02 -9.38
C LEU A 186 10.32 -1.26 -9.66
N VAL A 187 11.20 -1.02 -8.69
CA VAL A 187 12.64 -1.20 -8.82
C VAL A 187 12.86 -2.72 -9.01
N ALA A 188 12.08 -3.54 -8.28
CA ALA A 188 12.24 -5.02 -8.44
C ALA A 188 11.94 -5.55 -9.87
N GLU A 189 10.97 -4.93 -10.56
CA GLU A 189 10.45 -5.43 -11.84
C GLU A 189 11.19 -4.89 -13.07
N GLU A 190 11.92 -3.77 -12.91
CA GLU A 190 12.68 -3.18 -14.04
C GLU A 190 14.01 -2.51 -13.66
N HIS A 191 14.83 -2.25 -14.68
CA HIS A 191 16.03 -1.40 -14.53
C HIS A 191 15.59 0.06 -14.55
N LEU A 192 15.74 0.69 -13.41
CA LEU A 192 15.08 1.93 -13.13
C LEU A 192 15.82 2.41 -11.91
N THR A 193 15.90 3.73 -11.74
CA THR A 193 16.48 4.29 -10.55
C THR A 193 15.44 5.27 -9.93
N VAL A 194 15.23 5.15 -8.64
CA VAL A 194 14.41 6.12 -7.98
C VAL A 194 15.25 7.28 -7.57
N ASP A 195 14.71 8.46 -7.74
CA ASP A 195 15.34 9.69 -7.23
C ASP A 195 15.47 9.77 -5.74
N ALA A 196 16.58 10.32 -5.30
CA ALA A 196 16.88 10.39 -3.86
C ALA A 196 15.87 11.25 -3.07
N ARG A 197 15.33 12.26 -3.70
CA ARG A 197 14.25 13.08 -3.01
C ARG A 197 12.95 12.29 -2.88
N VAL A 198 12.60 11.55 -3.89
CA VAL A 198 11.39 10.72 -3.87
C VAL A 198 11.57 9.65 -2.78
N TYR A 199 12.76 9.02 -2.75
CA TYR A 199 13.02 7.91 -1.80
C TYR A 199 13.00 8.46 -0.35
N SER A 200 13.53 9.65 -0.15
CA SER A 200 13.58 10.32 1.16
C SER A 200 12.18 10.59 1.67
N TYR A 201 11.34 11.07 0.76
CA TYR A 201 9.98 11.44 1.07
C TYR A 201 9.22 10.12 1.41
N ALA A 202 9.36 9.10 0.59
CA ALA A 202 8.75 7.78 0.89
C ALA A 202 9.22 7.14 2.22
N LEU A 203 10.50 7.24 2.52
CA LEU A 203 11.03 6.79 3.84
C LEU A 203 10.39 7.53 5.04
N ALA A 204 10.30 8.88 4.94
CA ALA A 204 9.63 9.63 6.00
C ALA A 204 8.17 9.24 6.17
N LEU A 205 7.45 8.95 5.09
CA LEU A 205 6.07 8.52 5.17
C LEU A 205 5.97 7.21 5.94
N LYS A 206 6.91 6.32 5.71
CA LYS A 206 7.03 5.14 6.57
C LYS A 206 7.38 5.48 8.00
N HIS A 207 8.42 6.24 8.22
CA HIS A 207 8.94 6.50 9.55
C HIS A 207 7.94 7.28 10.42
N ALA A 208 7.02 8.04 9.82
CA ALA A 208 6.23 8.98 10.60
C ALA A 208 5.28 8.33 11.64
N LYS B 15 13.54 1.72 -24.98
CA LYS B 15 13.36 2.48 -26.23
C LYS B 15 14.39 3.61 -26.40
N GLN B 16 14.79 4.33 -25.33
CA GLN B 16 15.90 5.28 -25.45
C GLN B 16 17.19 4.66 -24.91
N TYR B 17 18.31 5.11 -25.40
CA TYR B 17 19.59 4.62 -24.96
C TYR B 17 20.71 5.53 -25.37
N ILE B 18 21.85 5.26 -24.78
CA ILE B 18 23.06 6.02 -24.97
C ILE B 18 23.78 5.45 -26.21
N ILE B 19 24.19 6.34 -27.10
CA ILE B 19 24.92 5.94 -28.29
C ILE B 19 26.40 6.15 -28.04
N SER B 20 26.80 7.34 -27.53
CA SER B 20 28.19 7.59 -27.17
C SER B 20 28.38 8.68 -26.16
N GLU B 21 29.56 8.69 -25.54
CA GLU B 21 29.87 9.68 -24.56
C GLU B 21 31.21 10.26 -24.96
N GLU B 22 31.26 11.56 -25.13
CA GLU B 22 32.46 12.28 -25.44
C GLU B 22 32.96 13.04 -24.23
N LEU B 23 34.16 12.71 -23.77
CA LEU B 23 34.84 13.56 -22.78
C LEU B 23 35.03 15.04 -23.13
N ILE B 24 34.48 15.93 -22.33
CA ILE B 24 34.70 17.35 -22.54
C ILE B 24 35.83 17.86 -21.66
N SER B 25 35.84 17.45 -20.40
CA SER B 25 36.83 17.88 -19.42
C SER B 25 36.84 16.95 -18.21
N GLU B 26 38.03 16.62 -17.71
CA GLU B 26 38.21 15.73 -16.57
C GLU B 26 39.11 16.42 -15.59
N GLY B 27 38.61 16.60 -14.37
CA GLY B 27 39.39 17.10 -13.28
C GLY B 27 39.83 15.94 -12.45
N LYS B 28 40.31 16.24 -11.24
CA LYS B 28 40.65 15.22 -10.27
C LYS B 28 39.42 14.48 -9.76
N TRP B 29 38.34 15.24 -9.51
CA TRP B 29 37.12 14.73 -8.86
C TRP B 29 35.89 14.60 -9.80
N VAL B 30 35.83 15.40 -10.84
CA VAL B 30 34.62 15.55 -11.63
C VAL B 30 35.02 15.65 -13.06
N LYS B 31 34.18 15.06 -13.92
CA LYS B 31 34.27 15.22 -15.33
C LYS B 31 32.97 15.68 -15.95
N LEU B 32 33.08 16.31 -17.10
CA LEU B 32 31.97 16.74 -17.87
C LEU B 32 32.03 16.09 -19.23
N GLU B 33 30.92 15.47 -19.66
CA GLU B 33 30.81 14.73 -20.90
C GLU B 33 29.69 15.21 -21.77
N LYS B 34 29.81 14.97 -23.07
CA LYS B 34 28.71 15.24 -23.99
C LYS B 34 28.13 13.90 -24.41
N THR B 35 26.91 13.61 -23.95
CA THR B 35 26.23 12.37 -24.20
C THR B 35 25.41 12.44 -25.44
N THR B 36 25.58 11.44 -26.34
CA THR B 36 24.63 11.29 -27.43
C THR B 36 23.69 10.15 -27.15
N TYR B 37 22.42 10.40 -27.39
CA TYR B 37 21.38 9.40 -27.16
C TYR B 37 20.27 9.44 -28.18
N MET B 38 19.59 8.31 -28.27
CA MET B 38 18.47 8.13 -29.18
C MET B 38 17.22 8.48 -28.45
N ASP B 39 16.44 9.35 -29.02
CA ASP B 39 15.18 9.69 -28.44
C ASP B 39 14.15 8.66 -28.95
N PRO B 40 12.94 8.69 -28.40
CA PRO B 40 12.04 7.57 -28.75
C PRO B 40 11.50 7.66 -30.17
N THR B 41 11.43 8.87 -30.72
CA THR B 41 11.11 9.06 -32.13
C THR B 41 12.19 8.55 -33.10
N GLY B 42 13.31 7.97 -32.62
CA GLY B 42 14.45 7.59 -33.50
C GLY B 42 15.36 8.77 -33.94
N LYS B 43 15.13 9.96 -33.38
CA LYS B 43 16.04 11.12 -33.54
C LYS B 43 17.20 11.10 -32.53
N THR B 44 18.38 11.46 -32.99
CA THR B 44 19.58 11.48 -32.17
C THR B 44 19.69 12.83 -31.51
N ARG B 45 20.06 12.85 -30.22
CA ARG B 45 20.04 14.09 -29.38
C ARG B 45 21.27 14.10 -28.47
N THR B 46 21.61 15.27 -27.93
CA THR B 46 22.74 15.37 -27.05
C THR B 46 22.34 15.97 -25.70
N TRP B 47 23.19 15.68 -24.72
CA TRP B 47 23.03 16.15 -23.35
C TRP B 47 24.39 16.44 -22.75
N GLU B 48 24.46 17.39 -21.79
CA GLU B 48 25.71 17.55 -21.07
C GLU B 48 25.56 16.91 -19.71
N SER B 49 26.49 16.00 -19.41
CA SER B 49 26.44 15.14 -18.26
C SER B 49 27.66 15.25 -17.37
N VAL B 50 27.42 15.21 -16.08
CA VAL B 50 28.50 15.31 -15.11
C VAL B 50 28.63 13.96 -14.45
N LYS B 51 29.87 13.52 -14.25
CA LYS B 51 30.17 12.34 -13.49
C LYS B 51 31.31 12.55 -12.52
N ARG B 52 31.27 11.81 -11.41
CA ARG B 52 32.45 11.82 -10.57
C ARG B 52 33.51 10.87 -11.13
N THR B 53 34.79 11.21 -10.96
CA THR B 53 35.89 10.28 -11.39
C THR B 53 36.24 9.20 -10.34
N THR B 54 35.61 9.24 -9.16
CA THR B 54 35.90 8.34 -8.09
C THR B 54 35.12 7.00 -7.94
N ARG B 55 34.15 6.77 -8.81
CA ARG B 55 33.25 5.63 -8.71
C ARG B 55 33.93 4.36 -9.22
N LYS B 56 33.60 3.21 -8.62
CA LYS B 56 33.90 1.87 -9.21
C LYS B 56 32.63 1.29 -9.83
N GLN B 58 31.89 0.11 -6.70
CA GLN B 58 30.85 0.46 -5.75
C GLN B 58 29.46 0.48 -6.40
N THR B 59 28.45 0.28 -5.57
CA THR B 59 27.05 0.31 -6.02
C THR B 59 26.58 1.75 -6.24
N ALA B 60 27.37 2.72 -5.78
CA ALA B 60 26.97 4.12 -5.74
C ALA B 60 28.18 4.95 -5.45
N ASP B 61 28.10 6.26 -5.71
CA ASP B 61 29.17 7.17 -5.35
C ASP B 61 29.36 7.26 -3.85
N GLY B 62 28.23 7.37 -3.13
CA GLY B 62 28.20 7.71 -1.71
C GLY B 62 27.05 7.12 -0.92
N VAL B 63 27.01 7.49 0.37
CA VAL B 63 25.92 7.14 1.26
C VAL B 63 25.50 8.42 1.93
N ALA B 64 24.22 8.49 2.31
CA ALA B 64 23.66 9.52 3.19
C ALA B 64 22.92 8.79 4.30
N VAL B 65 23.14 9.22 5.51
CA VAL B 65 22.65 8.60 6.67
C VAL B 65 21.49 9.43 7.27
N ILE B 66 20.37 8.76 7.48
CA ILE B 66 19.28 9.27 8.24
C ILE B 66 19.42 8.74 9.67
N PRO B 67 19.97 9.59 10.57
CA PRO B 67 20.31 9.11 11.93
C PRO B 67 19.24 9.54 12.95
N VAL B 68 18.50 8.56 13.42
CA VAL B 68 17.41 8.76 14.33
C VAL B 68 17.96 8.55 15.75
N LEU B 69 18.24 9.67 16.42
CA LEU B 69 18.72 9.70 17.80
C LEU B 69 17.59 9.45 18.78
N GLN B 70 17.65 8.31 19.45
CA GLN B 70 16.61 7.88 20.38
C GLN B 70 17.11 7.93 21.83
N ARG B 71 16.58 8.84 22.65
CA ARG B 71 16.89 8.96 24.07
C ARG B 71 15.56 8.87 24.81
N THR B 72 15.53 8.06 25.83
CA THR B 72 14.33 7.96 26.57
C THR B 72 13.97 9.27 27.25
N LEU B 73 12.65 9.51 27.34
CA LEU B 73 12.07 10.72 27.87
C LEU B 73 12.43 11.99 27.11
N HIS B 74 12.88 11.81 25.87
CA HIS B 74 13.19 12.96 24.96
C HIS B 74 12.48 12.75 23.68
N TYR B 75 12.29 13.88 22.94
CA TYR B 75 11.83 13.65 21.59
C TYR B 75 12.86 12.92 20.79
N GLU B 76 12.41 12.11 19.86
CA GLU B 76 13.34 11.50 18.87
C GLU B 76 13.87 12.61 18.00
N CYS B 77 15.19 12.64 17.79
CA CYS B 77 15.86 13.64 16.92
C CYS B 77 16.44 13.00 15.62
N ILE B 78 16.54 13.85 14.62
CA ILE B 78 17.26 13.51 13.43
C ILE B 78 18.51 14.31 13.53
N VAL B 79 19.60 13.61 13.39
CA VAL B 79 20.91 14.22 13.52
C VAL B 79 21.42 14.71 12.13
N LEU B 80 21.74 15.97 12.03
CA LEU B 80 22.17 16.58 10.76
C LEU B 80 23.51 17.27 10.94
N VAL B 81 24.14 17.60 9.83
CA VAL B 81 25.41 18.24 9.84
C VAL B 81 25.39 19.51 9.09
N LYS B 82 26.21 20.46 9.51
CA LYS B 82 26.31 21.77 8.86
C LYS B 82 27.77 21.93 8.47
N GLN B 83 28.03 22.31 7.24
CA GLN B 83 29.41 22.47 6.74
C GLN B 83 29.40 23.50 5.64
N PHE B 84 30.58 24.07 5.39
CA PHE B 84 30.79 24.97 4.29
C PHE B 84 30.85 24.10 3.04
N ARG B 85 30.16 24.53 2.00
CA ARG B 85 30.22 23.74 0.76
C ARG B 85 30.71 24.59 -0.32
N PRO B 86 31.95 24.38 -0.78
CA PRO B 86 32.53 25.28 -1.79
C PRO B 86 31.71 25.47 -3.06
N PRO B 87 31.07 24.41 -3.60
CA PRO B 87 30.19 24.66 -4.74
C PRO B 87 29.07 25.62 -4.46
N MET B 88 28.53 25.57 -3.25
CA MET B 88 27.44 26.44 -2.86
C MET B 88 27.90 27.83 -2.45
N GLY B 89 29.18 27.99 -2.10
CA GLY B 89 29.65 29.31 -1.65
C GLY B 89 29.16 29.62 -0.28
N GLY B 90 28.66 28.61 0.44
CA GLY B 90 28.05 28.87 1.75
C GLY B 90 27.86 27.62 2.56
N TYR B 91 27.21 27.79 3.70
CA TYR B 91 26.93 26.70 4.59
C TYR B 91 25.60 26.00 4.29
N CYS B 92 25.63 24.67 4.41
CA CYS B 92 24.51 23.73 4.15
C CYS B 92 24.25 22.82 5.30
N ILE B 93 22.97 22.50 5.50
CA ILE B 93 22.53 21.55 6.49
C ILE B 93 22.14 20.29 5.70
N GLU B 94 22.73 19.17 6.08
CA GLU B 94 22.63 17.87 5.33
C GLU B 94 22.54 16.67 6.27
N PHE B 95 22.05 15.52 5.75
CA PHE B 95 22.31 14.27 6.36
C PHE B 95 23.81 14.03 6.39
N PRO B 96 24.31 13.42 7.44
CA PRO B 96 25.72 12.99 7.33
C PRO B 96 25.90 12.08 6.11
N ALA B 97 27.02 12.25 5.43
CA ALA B 97 27.25 11.59 4.20
C ALA B 97 28.72 11.66 3.79
N GLY B 98 29.06 10.65 2.99
CA GLY B 98 30.31 10.69 2.28
C GLY B 98 30.42 9.64 1.19
N LEU B 99 31.52 9.76 0.45
CA LEU B 99 31.80 8.77 -0.59
C LEU B 99 32.14 7.40 0.00
N ILE B 100 31.75 6.36 -0.70
CA ILE B 100 31.95 5.00 -0.27
C ILE B 100 33.42 4.64 -0.63
N ASP B 101 34.16 4.11 0.34
CA ASP B 101 35.56 3.70 0.08
C ASP B 101 35.58 2.48 -0.82
N ASP B 102 36.59 2.37 -1.69
CA ASP B 102 36.72 1.18 -2.57
C ASP B 102 36.67 -0.13 -1.70
N GLY B 103 35.79 -1.06 -2.02
CA GLY B 103 35.60 -2.27 -1.20
C GLY B 103 35.02 -2.11 0.21
N GLU B 104 34.20 -1.07 0.39
CA GLU B 104 33.40 -0.88 1.61
C GLU B 104 31.91 -1.21 1.24
N THR B 105 31.17 -1.80 2.14
CA THR B 105 29.73 -1.98 1.91
C THR B 105 28.97 -0.63 2.19
N PRO B 106 27.78 -0.39 1.57
CA PRO B 106 27.09 0.89 1.90
C PRO B 106 26.76 1.02 3.37
N GLU B 107 26.28 -0.06 3.96
CA GLU B 107 26.07 -0.12 5.41
C GLU B 107 27.29 0.28 6.24
N ALA B 108 28.47 -0.15 5.82
CA ALA B 108 29.68 0.10 6.61
C ALA B 108 30.13 1.52 6.41
N ALA B 109 29.95 2.05 5.18
CA ALA B 109 30.27 3.43 4.88
C ALA B 109 29.39 4.34 5.70
N ALA B 110 28.14 3.90 5.89
CA ALA B 110 27.14 4.65 6.68
C ALA B 110 27.51 4.77 8.14
N LEU B 111 27.87 3.64 8.74
CA LEU B 111 28.34 3.72 10.15
C LEU B 111 29.60 4.47 10.34
N ARG B 112 30.52 4.36 9.39
CA ARG B 112 31.77 5.02 9.51
C ARG B 112 31.57 6.51 9.35
N GLU B 113 30.83 6.93 8.29
CA GLU B 113 30.63 8.39 8.11
C GLU B 113 29.90 9.02 9.26
N LEU B 114 28.89 8.33 9.72
CA LEU B 114 28.11 8.81 10.85
C LEU B 114 29.03 9.01 12.06
N GLU B 115 29.88 8.03 12.36
CA GLU B 115 30.88 8.28 13.44
C GLU B 115 31.86 9.38 13.21
N GLU B 116 32.46 9.44 12.03
CA GLU B 116 33.39 10.53 11.72
C GLU B 116 32.77 11.92 11.79
N GLU B 117 31.56 12.05 11.26
CA GLU B 117 30.98 13.37 11.15
C GLU B 117 30.26 13.81 12.42
N THR B 118 29.77 12.86 13.20
CA THR B 118 28.95 13.18 14.39
C THR B 118 29.51 12.68 15.73
N GLY B 119 30.42 11.71 15.65
CA GLY B 119 30.77 10.95 16.83
C GLY B 119 29.81 9.88 17.24
N TYR B 120 28.57 9.82 16.71
CA TYR B 120 27.63 8.77 17.10
C TYR B 120 27.90 7.41 16.48
N LYS B 121 27.65 6.37 17.28
CA LYS B 121 27.66 4.96 16.90
C LYS B 121 26.28 4.43 16.85
N GLY B 122 25.90 3.95 15.68
CA GLY B 122 24.54 3.58 15.44
C GLY B 122 24.39 2.21 14.89
N ASP B 123 23.16 1.85 14.70
CA ASP B 123 22.75 0.56 14.21
C ASP B 123 22.00 0.73 12.93
N ILE B 124 22.27 -0.12 11.94
CA ILE B 124 21.50 -0.14 10.69
C ILE B 124 20.08 -0.58 10.84
N ALA B 125 19.14 0.21 10.30
CA ALA B 125 17.77 -0.19 10.29
C ALA B 125 17.34 -0.65 8.91
N GLU B 126 17.65 0.15 7.91
CA GLU B 126 17.37 -0.24 6.54
C GLU B 126 18.33 0.50 5.63
N CYS B 127 18.39 0.06 4.39
CA CYS B 127 19.32 0.59 3.41
C CYS B 127 18.62 0.60 2.06
N SER B 128 18.65 1.73 1.38
CA SER B 128 17.99 1.83 0.11
C SER B 128 18.81 1.18 -1.04
N PRO B 129 18.16 0.89 -2.16
CA PRO B 129 18.92 0.78 -3.41
C PRO B 129 19.61 2.06 -3.83
N ALA B 130 20.45 1.96 -4.85
CA ALA B 130 21.14 3.17 -5.31
C ALA B 130 20.04 4.13 -5.83
N VAL B 131 20.11 5.40 -5.43
CA VAL B 131 19.09 6.45 -5.79
C VAL B 131 19.84 7.66 -6.36
N CYS B 132 19.26 8.36 -7.35
CA CYS B 132 20.01 9.37 -8.05
C CYS B 132 19.93 10.73 -7.41
N MET B 133 21.01 11.45 -7.44
CA MET B 133 21.09 12.74 -6.79
C MET B 133 20.49 13.90 -7.61
N ASP B 134 20.81 13.97 -8.92
CA ASP B 134 20.33 15.02 -9.75
C ASP B 134 20.35 14.48 -11.18
N PRO B 135 19.38 13.65 -11.57
CA PRO B 135 19.63 12.83 -12.80
C PRO B 135 19.53 13.59 -14.14
N GLY B 136 18.97 14.83 -14.16
CA GLY B 136 19.07 15.65 -15.31
C GLY B 136 20.44 16.30 -15.52
N LEU B 137 21.32 16.13 -14.55
CA LEU B 137 22.63 16.74 -14.61
C LEU B 137 23.76 15.72 -14.50
N SER B 138 23.67 14.76 -13.58
CA SER B 138 24.75 13.87 -13.25
C SER B 138 24.34 12.44 -13.14
N ASN B 139 25.36 11.56 -13.13
CA ASN B 139 25.06 10.18 -12.84
C ASN B 139 25.22 9.82 -11.35
N CYS B 140 25.34 10.83 -10.48
CA CYS B 140 25.65 10.62 -9.08
C CYS B 140 24.57 9.88 -8.35
N THR B 141 24.99 8.88 -7.59
CA THR B 141 24.07 8.09 -6.83
C THR B 141 24.56 7.83 -5.43
N ILE B 142 23.59 7.58 -4.55
CA ILE B 142 23.86 7.24 -3.16
C ILE B 142 23.01 6.13 -2.67
N HIS B 143 23.42 5.46 -1.55
CA HIS B 143 22.44 4.71 -0.79
C HIS B 143 22.01 5.55 0.42
N ILE B 144 20.72 5.58 0.67
CA ILE B 144 20.21 6.23 1.88
C ILE B 144 20.06 5.11 2.92
N VAL B 145 20.76 5.28 4.02
CA VAL B 145 20.87 4.28 5.10
C VAL B 145 20.23 4.89 6.37
N THR B 146 19.12 4.30 6.80
CA THR B 146 18.40 4.68 8.03
C THR B 146 19.14 3.94 9.16
N VAL B 147 19.55 4.70 10.17
CA VAL B 147 20.36 4.20 11.27
C VAL B 147 19.70 4.73 12.51
N THR B 148 19.53 3.90 13.53
CA THR B 148 19.08 4.39 14.86
C THR B 148 20.29 4.51 15.79
N ILE B 149 20.27 5.51 16.66
CA ILE B 149 21.34 5.78 17.61
C ILE B 149 20.72 5.69 19.01
N ASN B 150 21.25 4.79 19.80
CA ASN B 150 20.74 4.62 21.18
C ASN B 150 21.47 5.60 21.95
N GLY B 151 20.81 6.73 22.19
CA GLY B 151 21.47 7.88 22.77
C GLY B 151 21.69 7.68 24.28
N ASP B 152 21.16 6.63 24.84
CA ASP B 152 21.32 6.32 26.27
C ASP B 152 22.50 5.37 26.55
N ASP B 153 23.18 4.90 25.52
CA ASP B 153 24.34 4.01 25.70
C ASP B 153 25.47 4.88 26.03
N ALA B 154 26.44 4.33 26.76
CA ALA B 154 27.61 5.08 27.15
C ALA B 154 28.46 5.52 25.97
N GLU B 155 28.58 4.74 24.89
CA GLU B 155 29.43 5.15 23.74
C GLU B 155 28.94 6.42 23.03
N ASN B 156 27.65 6.69 23.16
CA ASN B 156 27.02 7.92 22.62
C ASN B 156 26.76 8.96 23.68
N ALA B 157 27.43 8.85 24.86
CA ALA B 157 27.31 9.91 25.87
C ALA B 157 27.91 11.25 25.43
N ARG B 158 29.22 11.25 25.15
CA ARG B 158 29.94 12.47 24.76
C ARG B 158 30.51 12.17 23.37
N PRO B 159 29.64 12.22 22.33
CA PRO B 159 30.04 11.64 21.02
C PRO B 159 31.35 12.28 20.48
N LYS B 160 32.32 11.45 20.06
CA LYS B 160 33.62 11.94 19.60
C LYS B 160 33.69 12.02 18.04
N PRO B 161 33.44 13.22 17.41
CA PRO B 161 33.54 13.25 15.91
C PRO B 161 34.99 13.09 15.47
N LYS B 162 35.28 12.08 14.65
CA LYS B 162 36.65 11.81 14.14
C LYS B 162 36.81 12.18 12.64
N PRO B 163 36.70 13.48 12.29
CA PRO B 163 36.66 13.86 10.87
C PRO B 163 38.05 14.06 10.25
N GLY B 164 38.17 13.69 8.98
CA GLY B 164 39.46 13.74 8.27
C GLY B 164 40.09 15.12 8.04
N ASP B 165 41.26 15.08 7.40
CA ASP B 165 41.98 16.29 6.98
C ASP B 165 41.03 17.17 6.16
N GLY B 166 40.91 18.45 6.54
CA GLY B 166 40.08 19.40 5.81
C GLY B 166 38.55 19.30 5.88
N GLU B 167 38.00 18.33 6.60
CA GLU B 167 36.56 18.32 6.91
C GLU B 167 36.34 19.14 8.19
N PHE B 168 35.31 19.96 8.17
CA PHE B 168 34.94 20.77 9.34
C PHE B 168 33.43 20.77 9.42
N VAL B 169 32.92 20.00 10.38
CA VAL B 169 31.48 19.71 10.49
C VAL B 169 30.94 20.15 11.83
N GLU B 170 29.74 20.75 11.85
CA GLU B 170 29.00 20.99 13.10
C GLU B 170 27.78 20.09 13.12
N VAL B 171 27.39 19.66 14.30
CA VAL B 171 26.35 18.67 14.42
C VAL B 171 25.11 19.40 14.90
N ILE B 172 23.96 19.09 14.30
CA ILE B 172 22.71 19.76 14.63
C ILE B 172 21.65 18.69 14.70
N SER B 173 21.14 18.47 15.92
CA SER B 173 20.05 17.55 16.14
C SER B 173 18.72 18.24 16.29
N LEU B 174 17.71 17.80 15.55
CA LEU B 174 16.45 18.44 15.57
C LEU B 174 15.39 17.43 15.77
N PRO B 175 14.34 17.79 16.55
CA PRO B 175 13.31 16.81 16.79
C PRO B 175 12.62 16.39 15.53
N LYS B 176 12.42 15.09 15.38
CA LYS B 176 11.77 14.50 14.22
C LYS B 176 10.31 15.05 14.07
N ASN B 177 9.55 15.16 15.20
CA ASN B 177 8.13 15.57 15.10
C ASN B 177 7.92 17.08 14.72
N ASP B 178 8.97 17.88 14.64
CA ASP B 178 8.78 19.26 14.21
C ASP B 178 9.84 19.64 13.18
N LEU B 179 10.41 18.64 12.49
CA LEU B 179 11.60 18.89 11.72
C LEU B 179 11.44 19.99 10.68
N LEU B 180 10.34 19.98 9.95
CA LEU B 180 10.17 20.94 8.87
C LEU B 180 10.17 22.42 9.39
N GLN B 181 9.44 22.66 10.48
CA GLN B 181 9.40 24.02 11.12
C GLN B 181 10.75 24.38 11.71
N ARG B 182 11.48 23.43 12.29
CA ARG B 182 12.82 23.73 12.73
C ARG B 182 13.80 24.09 11.61
N LEU B 183 13.77 23.38 10.49
CA LEU B 183 14.61 23.73 9.38
C LEU B 183 14.31 25.13 8.75
N ASP B 184 13.05 25.36 8.50
CA ASP B 184 12.53 26.70 8.01
C ASP B 184 13.10 27.85 8.85
N ALA B 185 13.09 27.64 10.16
CA ALA B 185 13.66 28.58 11.13
C ALA B 185 15.14 28.80 10.95
N LEU B 186 15.90 27.72 10.78
CA LEU B 186 17.32 27.87 10.59
C LEU B 186 17.65 28.61 9.33
N VAL B 187 16.84 28.37 8.30
CA VAL B 187 16.99 29.12 7.07
C VAL B 187 16.67 30.63 7.20
N ALA B 188 15.58 30.96 7.89
CA ALA B 188 15.18 32.38 8.04
C ALA B 188 16.23 33.15 8.83
N GLU B 189 16.73 32.54 9.89
CA GLU B 189 17.62 33.22 10.80
C GLU B 189 19.10 33.06 10.53
N GLU B 190 19.55 31.89 10.06
CA GLU B 190 21.01 31.64 9.91
C GLU B 190 21.55 31.78 8.46
N HIS B 191 20.68 32.06 7.47
CA HIS B 191 21.05 32.07 6.02
C HIS B 191 21.84 30.81 5.50
N LEU B 192 21.44 29.65 6.00
CA LEU B 192 21.97 28.35 5.60
C LEU B 192 21.08 27.82 4.46
N THR B 193 21.58 26.86 3.68
CA THR B 193 20.80 26.17 2.66
C THR B 193 20.58 24.72 3.14
N VAL B 194 19.31 24.28 3.22
CA VAL B 194 18.98 22.96 3.59
C VAL B 194 19.08 22.13 2.33
N ASP B 195 19.58 20.95 2.52
CA ASP B 195 19.60 19.93 1.50
C ASP B 195 18.28 19.41 1.08
N ALA B 196 18.12 19.14 -0.22
CA ALA B 196 16.80 18.76 -0.73
C ALA B 196 16.26 17.44 -0.18
N ARG B 197 17.17 16.48 0.07
CA ARG B 197 16.77 15.25 0.60
C ARG B 197 16.25 15.43 2.04
N VAL B 198 16.98 16.19 2.80
CA VAL B 198 16.59 16.51 4.17
C VAL B 198 15.18 17.20 4.15
N TYR B 199 15.04 18.16 3.26
CA TYR B 199 13.79 18.92 3.13
C TYR B 199 12.65 18.01 2.70
N SER B 200 12.90 17.09 1.77
CA SER B 200 11.92 16.15 1.36
C SER B 200 11.42 15.24 2.46
N TYR B 201 12.36 14.76 3.25
CA TYR B 201 12.09 13.87 4.43
C TYR B 201 11.20 14.66 5.40
N ALA B 202 11.59 15.90 5.68
CA ALA B 202 10.85 16.74 6.60
C ALA B 202 9.43 17.02 6.15
N LEU B 203 9.24 17.28 4.86
CA LEU B 203 7.94 17.48 4.29
C LEU B 203 7.07 16.27 4.47
N ALA B 204 7.62 15.09 4.15
CA ALA B 204 6.83 13.90 4.32
C ALA B 204 6.47 13.61 5.76
N LEU B 205 7.32 13.95 6.71
CA LEU B 205 6.89 13.74 8.13
C LEU B 205 5.60 14.53 8.36
N LYS B 206 5.52 15.74 7.81
CA LYS B 206 4.27 16.55 7.98
C LYS B 206 3.12 16.02 7.15
N HIS B 207 3.36 15.65 5.90
CA HIS B 207 2.35 15.14 5.03
C HIS B 207 1.76 13.73 5.37
N ALA B 208 2.47 12.94 6.20
CA ALA B 208 1.95 11.60 6.61
C ALA B 208 0.54 11.68 7.25
N ASN B 209 -0.27 10.64 7.00
CA ASN B 209 -1.72 10.53 7.32
C ASN B 209 -2.59 11.36 6.37
N GLN C 16 -22.32 8.63 0.02
CA GLN C 16 -23.23 8.27 1.17
C GLN C 16 -22.34 8.20 2.42
N TYR C 17 -22.88 8.50 3.59
CA TYR C 17 -22.05 8.43 4.77
C TYR C 17 -22.89 8.19 5.95
N ILE C 18 -22.25 7.79 7.04
CA ILE C 18 -22.93 7.54 8.30
C ILE C 18 -23.20 8.87 8.99
N ILE C 19 -24.44 9.05 9.45
CA ILE C 19 -24.87 10.21 10.28
C ILE C 19 -24.79 9.90 11.80
N SER C 20 -25.29 8.74 12.23
CA SER C 20 -25.21 8.32 13.64
C SER C 20 -25.46 6.81 13.83
N GLU C 21 -24.92 6.28 14.94
CA GLU C 21 -24.95 4.86 15.32
C GLU C 21 -25.57 4.76 16.73
N GLU C 22 -26.88 4.58 16.79
CA GLU C 22 -27.66 4.55 18.05
C GLU C 22 -27.75 3.11 18.63
N LEU C 23 -27.27 2.94 19.86
CA LEU C 23 -27.14 1.61 20.47
C LEU C 23 -28.49 1.00 20.91
N ILE C 24 -28.87 -0.18 20.41
CA ILE C 24 -30.15 -0.86 20.71
C ILE C 24 -29.98 -1.92 21.80
N SER C 25 -28.88 -2.66 21.81
CA SER C 25 -28.56 -3.63 22.87
C SER C 25 -27.12 -4.05 22.77
N GLU C 26 -26.48 -4.30 23.91
CA GLU C 26 -25.10 -4.73 23.97
C GLU C 26 -24.94 -5.87 24.94
N GLY C 27 -24.35 -6.96 24.47
CA GLY C 27 -24.01 -8.09 25.30
C GLY C 27 -22.55 -8.05 25.56
N LYS C 28 -22.00 -9.17 26.02
CA LYS C 28 -20.57 -9.33 26.24
C LYS C 28 -19.76 -9.52 24.95
N TRP C 29 -20.39 -10.13 23.93
CA TRP C 29 -19.70 -10.48 22.67
C TRP C 29 -20.18 -9.72 21.44
N VAL C 30 -21.44 -9.30 21.42
CA VAL C 30 -22.05 -8.70 20.24
C VAL C 30 -22.98 -7.55 20.64
N LYS C 31 -23.18 -6.59 19.74
CA LYS C 31 -24.12 -5.49 19.95
C LYS C 31 -24.90 -5.21 18.67
N LEU C 32 -26.08 -4.65 18.83
CA LEU C 32 -26.97 -4.35 17.74
C LEU C 32 -27.10 -2.87 17.81
N GLU C 33 -27.18 -2.20 16.66
CA GLU C 33 -27.37 -0.74 16.58
C GLU C 33 -28.36 -0.33 15.53
N LYS C 34 -28.91 0.88 15.70
CA LYS C 34 -29.77 1.52 14.68
C LYS C 34 -28.78 2.46 14.08
N THR C 35 -28.64 2.45 12.76
CA THR C 35 -27.68 3.33 12.10
C THR C 35 -28.49 4.28 11.27
N THR C 36 -28.05 5.52 11.18
CA THR C 36 -28.75 6.49 10.35
C THR C 36 -27.70 7.01 9.37
N TYR C 37 -28.07 7.07 8.09
CA TYR C 37 -27.11 7.37 7.00
C TYR C 37 -27.75 8.22 5.89
N MET C 38 -26.93 8.98 5.16
CA MET C 38 -27.41 9.82 4.05
C MET C 38 -27.34 9.02 2.79
N ASP C 39 -28.44 8.97 2.07
CA ASP C 39 -28.46 8.27 0.78
C ASP C 39 -27.88 9.14 -0.27
N PRO C 40 -27.73 8.57 -1.50
CA PRO C 40 -27.07 9.29 -2.58
C PRO C 40 -27.91 10.49 -3.15
N THR C 41 -29.24 10.45 -3.01
CA THR C 41 -30.05 11.63 -3.39
C THR C 41 -30.07 12.74 -2.31
N GLY C 42 -29.64 12.43 -1.07
CA GLY C 42 -29.77 13.30 0.11
C GLY C 42 -30.91 12.99 1.09
N LYS C 43 -31.68 11.91 0.83
CA LYS C 43 -32.66 11.40 1.79
C LYS C 43 -31.92 10.67 2.92
N THR C 44 -32.36 10.96 4.14
CA THR C 44 -31.82 10.36 5.36
C THR C 44 -32.52 8.95 5.45
N ARG C 45 -31.79 7.88 5.79
CA ARG C 45 -32.41 6.52 5.88
C ARG C 45 -31.80 5.77 7.05
N THR C 46 -32.33 4.59 7.35
CA THR C 46 -31.88 3.89 8.52
C THR C 46 -31.64 2.36 8.24
N TRP C 47 -30.96 1.70 9.15
CA TRP C 47 -30.53 0.30 8.98
C TRP C 47 -30.25 -0.25 10.35
N GLU C 48 -30.38 -1.56 10.52
CA GLU C 48 -30.00 -2.23 11.76
C GLU C 48 -28.68 -3.00 11.57
N SER C 49 -27.68 -2.63 12.36
CA SER C 49 -26.31 -3.11 12.19
C SER C 49 -25.82 -3.87 13.40
N VAL C 50 -25.08 -4.93 13.15
CA VAL C 50 -24.47 -5.72 14.17
C VAL C 50 -22.98 -5.52 14.16
N LYS C 51 -22.36 -5.49 15.35
CA LYS C 51 -20.93 -5.34 15.52
C LYS C 51 -20.48 -6.19 16.72
N ARG C 52 -19.28 -6.76 16.66
CA ARG C 52 -18.75 -7.53 17.79
C ARG C 52 -18.16 -6.53 18.74
N THR C 53 -18.09 -6.87 20.02
CA THR C 53 -17.58 -5.91 21.02
C THR C 53 -16.11 -6.14 21.35
N THR C 54 -15.52 -7.18 20.79
CA THR C 54 -14.15 -7.60 21.06
C THR C 54 -13.05 -6.98 20.13
N ARG C 55 -13.45 -6.09 19.21
CA ARG C 55 -12.55 -5.59 18.15
C ARG C 55 -11.73 -4.37 18.59
N LYS C 56 -10.46 -4.36 18.22
CA LYS C 56 -9.55 -3.22 18.46
C LYS C 56 -9.43 -2.37 17.20
N GLN C 58 -7.07 -4.19 16.01
CA GLN C 58 -6.98 -5.29 15.08
C GLN C 58 -7.34 -4.76 13.70
N THR C 59 -6.60 -5.25 12.70
CA THR C 59 -6.91 -5.08 11.25
C THR C 59 -8.36 -5.51 10.88
N ALA C 60 -8.89 -6.40 11.72
CA ALA C 60 -10.12 -7.13 11.46
C ALA C 60 -10.53 -7.87 12.72
N ASP C 61 -11.75 -8.43 12.74
CA ASP C 61 -12.12 -9.14 13.91
C ASP C 61 -11.33 -10.42 13.98
N GLY C 62 -11.18 -11.05 12.83
CA GLY C 62 -10.64 -12.42 12.88
C GLY C 62 -9.87 -12.84 11.70
N VAL C 63 -9.43 -14.09 11.77
CA VAL C 63 -8.81 -14.71 10.59
C VAL C 63 -9.53 -16.03 10.20
N ALA C 64 -9.48 -16.36 8.92
CA ALA C 64 -9.92 -17.67 8.41
C ALA C 64 -8.69 -18.21 7.65
N VAL C 65 -8.38 -19.48 7.82
CA VAL C 65 -7.16 -20.01 7.33
C VAL C 65 -7.56 -20.97 6.22
N ILE C 66 -6.98 -20.77 5.04
CA ILE C 66 -7.12 -21.73 3.96
C ILE C 66 -5.86 -22.68 4.00
N PRO C 67 -6.01 -23.88 4.61
CA PRO C 67 -4.84 -24.68 4.93
C PRO C 67 -4.65 -25.77 3.87
N VAL C 68 -3.62 -25.58 3.08
CA VAL C 68 -3.40 -26.44 1.95
C VAL C 68 -2.35 -27.48 2.39
N LEU C 69 -2.85 -28.69 2.57
CA LEU C 69 -1.96 -29.85 2.89
C LEU C 69 -1.30 -30.42 1.68
N GLN C 70 0.02 -30.36 1.64
CA GLN C 70 0.89 -30.65 0.47
C GLN C 70 1.75 -31.83 0.84
N ARG C 71 1.80 -32.81 -0.02
CA ARG C 71 2.53 -34.10 0.22
C ARG C 71 3.06 -34.56 -1.09
N THR C 72 4.25 -35.12 -1.08
CA THR C 72 4.92 -35.45 -2.35
C THR C 72 4.17 -36.42 -3.16
N LEU C 73 3.50 -37.36 -2.49
CA LEU C 73 2.83 -38.43 -3.23
C LEU C 73 1.41 -38.19 -3.67
N HIS C 74 0.82 -37.06 -3.25
CA HIS C 74 -0.60 -36.87 -3.33
C HIS C 74 -1.02 -35.52 -3.91
N TYR C 75 -2.22 -35.50 -4.38
CA TYR C 75 -2.87 -34.22 -4.66
C TYR C 75 -3.08 -33.46 -3.34
N GLU C 76 -3.16 -32.14 -3.45
CA GLU C 76 -3.37 -31.29 -2.27
C GLU C 76 -4.71 -31.56 -1.64
N CYS C 77 -4.78 -31.41 -0.30
CA CYS C 77 -6.03 -31.39 0.41
C CYS C 77 -6.23 -30.04 1.03
N ILE C 78 -7.50 -29.70 1.22
CA ILE C 78 -7.90 -28.52 2.01
C ILE C 78 -8.33 -29.02 3.38
N VAL C 79 -7.76 -28.46 4.43
CA VAL C 79 -8.01 -28.92 5.82
C VAL C 79 -9.15 -28.09 6.39
N LEU C 80 -10.24 -28.73 6.79
CA LEU C 80 -11.40 -27.98 7.27
C LEU C 80 -11.72 -28.55 8.67
N VAL C 81 -12.52 -27.80 9.37
CA VAL C 81 -13.00 -28.21 10.71
C VAL C 81 -14.48 -28.25 10.77
N LYS C 82 -14.99 -29.19 11.54
CA LYS C 82 -16.39 -29.28 11.86
C LYS C 82 -16.55 -29.09 13.35
N GLN C 83 -17.50 -28.26 13.66
CA GLN C 83 -17.83 -27.88 15.02
C GLN C 83 -19.28 -27.49 15.18
N PHE C 84 -19.78 -27.64 16.41
CA PHE C 84 -21.08 -27.22 16.71
C PHE C 84 -21.06 -25.75 16.90
N ARG C 85 -22.03 -25.09 16.31
CA ARG C 85 -22.15 -23.64 16.24
C ARG C 85 -23.45 -23.24 16.83
N PRO C 86 -23.42 -22.63 18.06
CA PRO C 86 -24.69 -22.37 18.73
C PRO C 86 -25.66 -21.44 18.02
N PRO C 87 -25.18 -20.42 17.27
CA PRO C 87 -26.12 -19.64 16.54
C PRO C 87 -26.84 -20.41 15.38
N MET C 88 -26.22 -21.45 14.86
CA MET C 88 -26.85 -22.22 13.81
C MET C 88 -27.70 -23.37 14.37
N GLY C 89 -27.49 -23.72 15.63
CA GLY C 89 -28.15 -24.88 16.20
C GLY C 89 -27.73 -26.21 15.62
N GLY C 90 -26.52 -26.26 15.09
CA GLY C 90 -25.96 -27.49 14.57
C GLY C 90 -24.56 -27.35 14.08
N TYR C 91 -24.09 -28.39 13.35
CA TYR C 91 -22.72 -28.53 13.00
C TYR C 91 -22.47 -27.82 11.71
N CYS C 92 -21.27 -27.23 11.62
CA CYS C 92 -20.83 -26.51 10.42
C CYS C 92 -19.50 -26.92 10.01
N ILE C 93 -19.24 -26.90 8.68
CA ILE C 93 -18.00 -27.20 8.13
C ILE C 93 -17.38 -25.85 7.63
N GLU C 94 -16.22 -25.59 8.14
CA GLU C 94 -15.52 -24.25 7.96
C GLU C 94 -14.06 -24.31 7.81
N PHE C 95 -13.47 -23.18 7.32
CA PHE C 95 -12.07 -23.05 7.44
C PHE C 95 -11.71 -22.88 8.93
N PRO C 96 -10.54 -23.42 9.35
CA PRO C 96 -10.06 -23.09 10.72
C PRO C 96 -10.02 -21.55 10.82
N ALA C 97 -10.50 -21.06 11.94
CA ALA C 97 -10.65 -19.68 12.15
C ALA C 97 -10.70 -19.30 13.60
N GLY C 98 -10.34 -18.03 13.90
CA GLY C 98 -10.55 -17.51 15.28
C GLY C 98 -10.33 -16.00 15.31
N LEU C 99 -10.76 -15.36 16.39
CA LEU C 99 -10.53 -13.90 16.57
C LEU C 99 -9.05 -13.59 16.76
N ILE C 100 -8.64 -12.45 16.22
CA ILE C 100 -7.23 -12.01 16.36
C ILE C 100 -7.04 -11.44 17.80
N ASP C 101 -6.09 -11.99 18.56
CA ASP C 101 -5.81 -11.50 19.94
C ASP C 101 -5.23 -10.12 19.85
N ASP C 102 -5.38 -9.36 20.94
CA ASP C 102 -4.83 -7.99 21.03
C ASP C 102 -3.30 -8.07 20.85
N GLY C 103 -2.77 -7.24 19.95
CA GLY C 103 -1.31 -7.18 19.71
C GLY C 103 -0.78 -8.22 18.73
N GLU C 104 -1.67 -9.10 18.25
CA GLU C 104 -1.31 -10.25 17.39
C GLU C 104 -1.44 -9.84 15.93
N THR C 105 -0.49 -10.19 15.10
CA THR C 105 -0.66 -10.04 13.69
C THR C 105 -1.74 -11.09 13.12
N PRO C 106 -2.40 -10.78 11.98
CA PRO C 106 -3.23 -11.83 11.35
C PRO C 106 -2.44 -13.06 11.04
N GLU C 107 -1.17 -12.90 10.60
CA GLU C 107 -0.40 -14.02 10.24
C GLU C 107 -0.15 -14.97 11.44
N ALA C 108 0.14 -14.39 12.61
CA ALA C 108 0.55 -15.15 13.76
C ALA C 108 -0.74 -15.83 14.25
N ALA C 109 -1.84 -15.07 14.24
CA ALA C 109 -3.17 -15.62 14.55
C ALA C 109 -3.53 -16.84 13.70
N ALA C 110 -3.30 -16.74 12.41
CA ALA C 110 -3.64 -17.84 11.53
C ALA C 110 -2.89 -19.12 11.88
N LEU C 111 -1.60 -19.02 12.04
CA LEU C 111 -0.76 -20.19 12.41
C LEU C 111 -1.14 -20.76 13.79
N ARG C 112 -1.41 -19.86 14.71
CA ARG C 112 -1.85 -20.27 16.06
C ARG C 112 -3.20 -21.02 16.02
N GLU C 113 -4.21 -20.39 15.43
CA GLU C 113 -5.55 -21.01 15.28
C GLU C 113 -5.39 -22.31 14.47
N LEU C 114 -4.56 -22.29 13.43
CA LEU C 114 -4.45 -23.52 12.60
C LEU C 114 -3.94 -24.67 13.49
N GLU C 115 -2.81 -24.42 14.12
CA GLU C 115 -2.18 -25.43 15.04
C GLU C 115 -3.12 -25.92 16.15
N GLU C 116 -3.80 -25.01 16.83
CA GLU C 116 -4.78 -25.35 17.83
C GLU C 116 -5.95 -26.24 17.36
N GLU C 117 -6.52 -25.86 16.20
CA GLU C 117 -7.79 -26.43 15.78
C GLU C 117 -7.55 -27.75 15.01
N THR C 118 -6.40 -27.88 14.40
CA THR C 118 -6.10 -29.06 13.58
C THR C 118 -4.85 -29.85 13.99
N GLY C 119 -3.92 -29.25 14.75
CA GLY C 119 -2.57 -29.82 15.02
C GLY C 119 -1.50 -29.61 14.00
N TYR C 120 -1.84 -29.05 12.82
CA TYR C 120 -0.88 -28.87 11.79
C TYR C 120 -0.02 -27.67 12.04
N LYS C 121 1.26 -27.83 11.76
CA LYS C 121 2.17 -26.68 11.73
C LYS C 121 2.36 -26.25 10.26
N GLY C 122 1.99 -25.02 9.98
CA GLY C 122 1.91 -24.47 8.61
C GLY C 122 2.89 -23.33 8.38
N ASP C 123 2.99 -22.86 7.15
CA ASP C 123 3.87 -21.77 6.74
C ASP C 123 2.92 -20.76 6.01
N ILE C 124 3.01 -19.47 6.35
CA ILE C 124 2.22 -18.51 5.66
C ILE C 124 2.51 -18.48 4.15
N ALA C 125 1.46 -18.51 3.31
CA ALA C 125 1.62 -18.27 1.88
C ALA C 125 1.19 -16.86 1.45
N GLU C 126 0.07 -16.40 1.93
CA GLU C 126 -0.53 -15.11 1.48
C GLU C 126 -1.50 -14.68 2.56
N CYS C 127 -1.78 -13.37 2.66
CA CYS C 127 -2.76 -12.89 3.59
C CYS C 127 -3.56 -11.80 2.88
N SER C 128 -4.87 -11.94 2.90
CA SER C 128 -5.77 -10.96 2.30
C SER C 128 -5.81 -9.69 3.06
N PRO C 129 -6.33 -8.65 2.41
CA PRO C 129 -6.77 -7.50 3.16
C PRO C 129 -8.00 -7.84 3.97
N ALA C 130 -8.41 -6.92 4.85
CA ALA C 130 -9.64 -7.17 5.65
C ALA C 130 -10.82 -7.22 4.72
N VAL C 131 -11.60 -8.32 4.83
CA VAL C 131 -12.71 -8.65 3.87
C VAL C 131 -13.96 -8.89 4.75
N CYS C 132 -15.12 -8.40 4.28
CA CYS C 132 -16.34 -8.35 5.05
C CYS C 132 -17.08 -9.72 4.99
N MET C 133 -17.68 -10.02 6.12
CA MET C 133 -18.40 -11.31 6.32
C MET C 133 -19.82 -11.31 5.87
N ASP C 134 -20.51 -10.21 6.14
CA ASP C 134 -21.91 -10.17 5.83
C ASP C 134 -22.34 -8.72 5.91
N PRO C 135 -22.00 -7.96 4.83
CA PRO C 135 -21.93 -6.50 5.04
C PRO C 135 -23.29 -5.78 5.10
N GLY C 136 -24.34 -6.46 4.62
CA GLY C 136 -25.74 -6.01 4.76
C GLY C 136 -26.26 -6.15 6.19
N LEU C 137 -25.50 -6.79 7.06
CA LEU C 137 -25.87 -7.08 8.45
C LEU C 137 -24.90 -6.66 9.50
N SER C 138 -23.59 -6.82 9.27
CA SER C 138 -22.66 -6.64 10.34
C SER C 138 -21.45 -5.93 9.73
N ASN C 139 -20.63 -5.37 10.61
CA ASN C 139 -19.32 -4.80 10.20
C ASN C 139 -18.20 -5.84 10.31
N CYS C 140 -18.52 -7.09 10.58
CA CYS C 140 -17.48 -8.06 10.83
C CYS C 140 -16.54 -8.28 9.65
N THR C 141 -15.24 -8.40 9.94
CA THR C 141 -14.24 -8.59 8.90
C THR C 141 -13.21 -9.64 9.36
N ILE C 142 -12.59 -10.21 8.35
CA ILE C 142 -11.47 -11.14 8.59
C ILE C 142 -10.36 -10.86 7.65
N HIS C 143 -9.19 -11.42 7.96
CA HIS C 143 -8.25 -11.70 6.93
C HIS C 143 -8.36 -13.21 6.59
N ILE C 144 -8.31 -13.46 5.30
CA ILE C 144 -8.20 -14.84 4.78
C ILE C 144 -6.72 -15.09 4.53
N VAL C 145 -6.14 -16.06 5.28
CA VAL C 145 -4.77 -16.31 5.20
C VAL C 145 -4.54 -17.73 4.64
N THR C 146 -3.87 -17.80 3.51
CA THR C 146 -3.56 -19.05 2.88
C THR C 146 -2.32 -19.59 3.57
N VAL C 147 -2.40 -20.83 4.03
CA VAL C 147 -1.27 -21.46 4.75
C VAL C 147 -0.93 -22.82 4.14
N THR C 148 0.31 -23.05 3.84
CA THR C 148 0.76 -24.38 3.29
C THR C 148 1.17 -25.24 4.48
N ILE C 149 0.87 -26.53 4.42
CA ILE C 149 1.29 -27.46 5.44
C ILE C 149 2.11 -28.52 4.73
N ASN C 150 3.38 -28.71 5.14
CA ASN C 150 4.21 -29.82 4.65
C ASN C 150 3.76 -31.09 5.36
N GLY C 151 2.92 -31.81 4.70
CA GLY C 151 2.35 -33.06 5.27
C GLY C 151 3.34 -34.23 5.30
N ASP C 152 4.51 -34.11 4.70
CA ASP C 152 5.61 -35.12 4.75
C ASP C 152 6.63 -34.85 5.80
N ASP C 153 6.50 -33.71 6.46
CA ASP C 153 7.43 -33.37 7.50
C ASP C 153 7.06 -34.20 8.67
N ALA C 154 8.09 -34.82 9.25
CA ALA C 154 7.88 -35.69 10.37
C ALA C 154 7.10 -34.96 11.45
N GLU C 155 7.39 -33.66 11.64
CA GLU C 155 6.62 -32.90 12.62
C GLU C 155 5.10 -32.82 12.38
N ASN C 156 4.64 -33.04 11.15
CA ASN C 156 3.22 -33.11 10.90
C ASN C 156 2.67 -34.55 10.79
N ALA C 157 3.47 -35.55 11.20
CA ALA C 157 3.07 -36.97 11.07
C ALA C 157 1.79 -37.31 11.82
N ARG C 158 1.64 -36.78 13.01
CA ARG C 158 0.56 -37.19 13.84
C ARG C 158 -0.12 -35.96 14.43
N PRO C 159 -0.73 -35.13 13.57
CA PRO C 159 -1.34 -33.91 14.09
C PRO C 159 -2.36 -34.12 15.21
N LYS C 160 -2.26 -33.34 16.28
CA LYS C 160 -3.18 -33.40 17.40
C LYS C 160 -3.65 -32.01 17.69
N PRO C 161 -4.92 -31.69 17.41
CA PRO C 161 -5.44 -30.41 17.81
C PRO C 161 -5.24 -30.24 19.28
N LYS C 162 -5.12 -29.02 19.77
CA LYS C 162 -5.19 -28.72 21.23
C LYS C 162 -6.18 -27.57 21.34
N PRO C 163 -7.50 -27.88 21.36
CA PRO C 163 -8.43 -26.77 21.41
C PRO C 163 -8.50 -26.23 22.84
N GLY C 164 -8.99 -25.00 22.94
CA GLY C 164 -9.26 -24.37 24.22
C GLY C 164 -10.37 -25.12 24.95
N ASP C 165 -10.47 -24.89 26.26
CA ASP C 165 -11.66 -25.22 27.06
C ASP C 165 -12.93 -24.70 26.33
N GLY C 166 -13.95 -25.53 26.24
CA GLY C 166 -15.12 -25.17 25.43
C GLY C 166 -14.96 -25.18 23.89
N GLU C 167 -13.79 -25.53 23.35
CA GLU C 167 -13.64 -25.69 21.91
C GLU C 167 -13.65 -27.20 21.61
N PHE C 168 -14.54 -27.58 20.70
CA PHE C 168 -14.65 -28.97 20.27
C PHE C 168 -14.60 -29.01 18.76
N VAL C 169 -13.56 -29.63 18.24
CA VAL C 169 -13.33 -29.56 16.82
C VAL C 169 -13.02 -30.90 16.28
N GLU C 170 -13.50 -31.14 15.08
CA GLU C 170 -13.15 -32.34 14.33
C GLU C 170 -12.57 -31.87 13.02
N VAL C 171 -11.53 -32.54 12.58
CA VAL C 171 -10.75 -32.17 11.43
C VAL C 171 -11.12 -33.03 10.28
N ILE C 172 -11.40 -32.40 9.13
CA ILE C 172 -11.72 -33.13 7.91
C ILE C 172 -10.74 -32.56 6.85
N SER C 173 -10.05 -33.42 6.12
CA SER C 173 -9.24 -33.02 4.98
C SER C 173 -9.82 -33.55 3.69
N LEU C 174 -10.09 -32.66 2.75
CA LEU C 174 -10.75 -33.03 1.49
C LEU C 174 -9.87 -32.65 0.33
N PRO C 175 -9.82 -33.46 -0.74
CA PRO C 175 -8.90 -33.15 -1.82
C PRO C 175 -9.36 -31.88 -2.55
N LYS C 176 -8.39 -31.01 -2.80
CA LYS C 176 -8.67 -29.75 -3.44
C LYS C 176 -9.31 -29.94 -4.81
N ASN C 177 -8.86 -30.97 -5.51
CA ASN C 177 -9.32 -31.26 -6.88
C ASN C 177 -10.68 -31.95 -6.94
N ASP C 178 -11.33 -32.15 -5.83
CA ASP C 178 -12.72 -32.68 -5.82
C ASP C 178 -13.53 -32.04 -4.68
N LEU C 179 -13.19 -30.78 -4.31
CA LEU C 179 -13.68 -30.25 -3.03
C LEU C 179 -15.20 -30.18 -2.93
N LEU C 180 -15.83 -29.65 -3.99
CA LEU C 180 -17.22 -29.36 -4.00
C LEU C 180 -18.06 -30.64 -3.90
N GLN C 181 -17.79 -31.61 -4.77
CA GLN C 181 -18.45 -32.95 -4.68
C GLN C 181 -18.29 -33.58 -3.30
N ARG C 182 -17.12 -33.48 -2.75
CA ARG C 182 -16.87 -34.00 -1.44
C ARG C 182 -17.60 -33.28 -0.36
N LEU C 183 -17.75 -31.93 -0.45
CA LEU C 183 -18.59 -31.23 0.45
C LEU C 183 -20.08 -31.63 0.27
N ASP C 184 -20.51 -31.69 -0.99
CA ASP C 184 -21.86 -32.14 -1.36
C ASP C 184 -22.14 -33.48 -0.72
N ALA C 185 -21.21 -34.40 -0.77
CA ALA C 185 -21.43 -35.72 -0.19
C ALA C 185 -21.50 -35.70 1.34
N LEU C 186 -20.67 -34.90 2.03
CA LEU C 186 -20.82 -34.74 3.49
C LEU C 186 -22.17 -34.25 3.93
N VAL C 187 -22.68 -33.27 3.20
CA VAL C 187 -23.96 -32.62 3.37
C VAL C 187 -25.13 -33.59 3.15
N ALA C 188 -24.98 -34.54 2.24
CA ALA C 188 -26.04 -35.53 1.94
C ALA C 188 -26.17 -36.57 3.04
N GLU C 189 -25.06 -36.90 3.68
CA GLU C 189 -25.03 -37.95 4.68
C GLU C 189 -25.44 -37.55 6.13
N GLU C 190 -25.24 -36.29 6.52
CA GLU C 190 -25.54 -35.84 7.88
C GLU C 190 -26.09 -34.45 7.74
N HIS C 191 -26.86 -33.95 8.71
CA HIS C 191 -27.11 -32.54 8.58
C HIS C 191 -26.05 -31.67 9.25
N LEU C 192 -25.43 -30.95 8.35
CA LEU C 192 -24.36 -30.06 8.60
C LEU C 192 -24.47 -29.01 7.50
N THR C 193 -23.94 -27.84 7.82
CA THR C 193 -24.02 -26.67 6.96
C THR C 193 -22.59 -26.32 6.59
N VAL C 194 -22.35 -26.12 5.29
CA VAL C 194 -21.06 -25.67 4.82
C VAL C 194 -21.04 -24.15 4.92
N ASP C 195 -19.90 -23.66 5.34
CA ASP C 195 -19.68 -22.19 5.41
C ASP C 195 -19.66 -21.56 3.99
N ALA C 196 -20.21 -20.37 3.85
CA ALA C 196 -20.37 -19.74 2.53
C ALA C 196 -18.99 -19.39 1.90
N ARG C 197 -17.96 -19.13 2.70
CA ARG C 197 -16.60 -18.89 2.13
C ARG C 197 -15.97 -20.18 1.62
N VAL C 198 -16.10 -21.25 2.39
CA VAL C 198 -15.71 -22.55 1.95
C VAL C 198 -16.40 -22.94 0.61
N TYR C 199 -17.69 -22.74 0.50
CA TYR C 199 -18.44 -23.13 -0.65
C TYR C 199 -18.04 -22.31 -1.88
N SER C 200 -17.82 -21.04 -1.68
CA SER C 200 -17.38 -20.15 -2.74
C SER C 200 -16.05 -20.56 -3.22
N TYR C 201 -15.13 -20.89 -2.28
CA TYR C 201 -13.84 -21.39 -2.64
C TYR C 201 -13.97 -22.67 -3.48
N ALA C 202 -14.82 -23.57 -3.04
CA ALA C 202 -15.00 -24.83 -3.79
C ALA C 202 -15.58 -24.63 -5.17
N LEU C 203 -16.48 -23.70 -5.26
CA LEU C 203 -17.12 -23.43 -6.55
C LEU C 203 -16.07 -22.89 -7.51
N ALA C 204 -15.27 -21.89 -7.09
CA ALA C 204 -14.20 -21.40 -7.98
C ALA C 204 -13.21 -22.51 -8.41
N LEU C 205 -12.85 -23.41 -7.49
CA LEU C 205 -11.94 -24.46 -7.86
C LEU C 205 -12.55 -25.26 -9.04
N LYS C 206 -13.83 -25.61 -8.94
CA LYS C 206 -14.57 -26.28 -10.03
C LYS C 206 -14.62 -25.45 -11.31
N HIS C 207 -14.90 -24.16 -11.20
CA HIS C 207 -15.08 -23.32 -12.40
C HIS C 207 -13.78 -22.88 -13.06
N ALA C 208 -12.65 -22.94 -12.34
CA ALA C 208 -11.36 -22.50 -12.88
C ALA C 208 -11.00 -23.22 -14.18
N LYS D 15 -24.59 -35.29 19.45
CA LYS D 15 -23.58 -35.20 20.56
C LYS D 15 -23.72 -33.88 21.33
N GLN D 16 -23.75 -32.70 20.66
CA GLN D 16 -24.13 -31.43 21.31
C GLN D 16 -25.53 -30.95 20.95
N TYR D 17 -26.16 -30.06 21.74
CA TYR D 17 -27.55 -29.57 21.46
C TYR D 17 -27.93 -28.27 22.07
N ILE D 18 -28.90 -27.59 21.46
CA ILE D 18 -29.53 -26.34 21.95
C ILE D 18 -30.47 -26.77 23.10
N ILE D 19 -30.23 -26.24 24.29
CA ILE D 19 -31.08 -26.44 25.50
C ILE D 19 -32.13 -25.33 25.45
N SER D 20 -31.76 -24.09 25.12
CA SER D 20 -32.74 -22.96 25.08
C SER D 20 -32.30 -21.70 24.37
N GLU D 21 -33.26 -20.87 23.99
CA GLU D 21 -33.05 -19.67 23.20
C GLU D 21 -33.89 -18.49 23.66
N GLU D 22 -33.25 -17.55 24.35
CA GLU D 22 -33.93 -16.42 24.99
C GLU D 22 -33.81 -15.16 24.15
N LEU D 23 -34.94 -14.58 23.77
CA LEU D 23 -34.95 -13.34 23.02
C LEU D 23 -34.36 -12.28 23.91
N ILE D 24 -33.30 -11.61 23.44
CA ILE D 24 -32.72 -10.47 24.19
C ILE D 24 -33.18 -9.13 23.71
N SER D 25 -33.20 -8.97 22.39
CA SER D 25 -33.63 -7.72 21.79
C SER D 25 -33.99 -8.00 20.32
N GLU D 26 -34.96 -7.24 19.83
CA GLU D 26 -35.58 -7.52 18.54
C GLU D 26 -36.00 -6.25 17.82
N GLY D 27 -35.20 -5.82 16.83
CA GLY D 27 -35.59 -4.74 15.92
C GLY D 27 -36.45 -5.28 14.76
N LYS D 28 -36.57 -4.45 13.73
CA LYS D 28 -37.39 -4.77 12.56
C LYS D 28 -36.79 -5.88 11.68
N TRP D 29 -35.46 -5.94 11.61
CA TRP D 29 -34.73 -6.84 10.71
C TRP D 29 -33.84 -7.87 11.41
N VAL D 30 -33.44 -7.61 12.65
CA VAL D 30 -32.36 -8.35 13.31
C VAL D 30 -32.76 -8.50 14.75
N LYS D 31 -32.51 -9.68 15.30
CA LYS D 31 -32.72 -9.95 16.70
C LYS D 31 -31.51 -10.64 17.28
N LEU D 32 -31.39 -10.50 18.59
CA LEU D 32 -30.25 -10.88 19.35
C LEU D 32 -30.78 -11.84 20.41
N GLU D 33 -30.14 -13.00 20.57
CA GLU D 33 -30.60 -14.04 21.51
C GLU D 33 -29.48 -14.52 22.35
N LYS D 34 -29.82 -14.98 23.55
CA LYS D 34 -28.90 -15.70 24.41
C LYS D 34 -29.17 -17.21 24.25
N THR D 35 -28.18 -17.95 23.78
CA THR D 35 -28.33 -19.35 23.46
C THR D 35 -27.74 -20.21 24.55
N THR D 36 -28.50 -21.19 25.06
CA THR D 36 -27.92 -22.16 25.94
C THR D 36 -27.79 -23.53 25.29
N TYR D 37 -26.66 -24.18 25.47
CA TYR D 37 -26.43 -25.47 24.82
C TYR D 37 -25.56 -26.38 25.70
N MET D 38 -25.43 -27.64 25.29
CA MET D 38 -24.72 -28.66 25.99
C MET D 38 -23.56 -29.12 25.14
N ASP D 39 -22.36 -29.06 25.71
CA ASP D 39 -21.17 -29.50 25.05
C ASP D 39 -21.03 -31.00 25.09
N PRO D 40 -20.00 -31.53 24.41
CA PRO D 40 -19.94 -33.00 24.33
C PRO D 40 -19.73 -33.66 25.71
N THR D 41 -19.11 -32.96 26.65
CA THR D 41 -18.78 -33.47 28.00
C THR D 41 -19.92 -33.24 29.00
N GLY D 42 -21.16 -33.13 28.51
CA GLY D 42 -22.33 -32.92 29.34
C GLY D 42 -22.44 -31.59 30.08
N LYS D 43 -21.49 -30.66 29.94
CA LYS D 43 -21.62 -29.29 30.51
C LYS D 43 -22.49 -28.28 29.73
N THR D 44 -23.22 -27.47 30.47
CA THR D 44 -23.97 -26.34 29.93
C THR D 44 -23.05 -25.12 29.71
N ARG D 45 -23.20 -24.46 28.56
CA ARG D 45 -22.53 -23.17 28.25
C ARG D 45 -23.50 -22.22 27.55
N THR D 46 -23.13 -20.95 27.40
CA THR D 46 -23.98 -19.98 26.65
C THR D 46 -23.26 -19.37 25.43
N TRP D 47 -23.99 -18.61 24.63
CA TRP D 47 -23.51 -17.97 23.39
C TRP D 47 -24.46 -16.83 23.06
N GLU D 48 -24.04 -15.83 22.32
CA GLU D 48 -24.91 -14.75 21.92
C GLU D 48 -25.00 -14.88 20.42
N SER D 49 -26.23 -14.91 19.92
CA SER D 49 -26.58 -15.19 18.53
C SER D 49 -27.51 -14.16 17.90
N VAL D 50 -27.24 -13.86 16.64
CA VAL D 50 -27.92 -12.89 15.89
C VAL D 50 -28.73 -13.64 14.84
N LYS D 51 -30.00 -13.31 14.71
CA LYS D 51 -30.83 -13.92 13.70
C LYS D 51 -31.57 -12.78 13.07
N ARG D 52 -31.94 -12.93 11.80
CA ARG D 52 -32.83 -11.98 11.16
C ARG D 52 -34.25 -12.32 11.56
N THR D 53 -35.15 -11.37 11.36
CA THR D 53 -36.56 -11.49 11.73
C THR D 53 -37.44 -11.67 10.50
N THR D 54 -36.82 -11.87 9.33
CA THR D 54 -37.52 -11.91 8.05
C THR D 54 -37.48 -13.32 7.46
N ALA D 60 -33.48 -20.63 3.29
CA ALA D 60 -32.45 -19.64 3.64
C ALA D 60 -32.90 -18.16 3.73
N ASP D 61 -32.04 -17.28 4.29
CA ASP D 61 -32.40 -15.88 4.28
C ASP D 61 -32.34 -15.25 2.87
N GLY D 62 -31.24 -15.51 2.18
CA GLY D 62 -30.93 -14.80 0.91
C GLY D 62 -30.35 -15.70 -0.13
N VAL D 63 -30.07 -15.07 -1.29
CA VAL D 63 -29.27 -15.65 -2.32
C VAL D 63 -28.10 -14.71 -2.60
N ALA D 64 -27.03 -15.28 -3.05
CA ALA D 64 -25.92 -14.51 -3.68
C ALA D 64 -25.65 -15.16 -4.99
N VAL D 65 -25.41 -14.34 -6.00
CA VAL D 65 -25.32 -14.79 -7.36
C VAL D 65 -23.87 -14.62 -7.85
N ILE D 66 -23.32 -15.68 -8.41
CA ILE D 66 -21.99 -15.65 -9.04
C ILE D 66 -22.30 -15.59 -10.58
N PRO D 67 -22.30 -14.40 -11.14
CA PRO D 67 -22.73 -14.24 -12.52
C PRO D 67 -21.52 -14.20 -13.53
N VAL D 68 -21.40 -15.21 -14.37
CA VAL D 68 -20.34 -15.39 -15.32
C VAL D 68 -20.84 -14.93 -16.73
N LEU D 69 -20.35 -13.80 -17.15
CA LEU D 69 -20.73 -13.16 -18.43
C LEU D 69 -19.86 -13.74 -19.55
N GLN D 70 -20.50 -14.44 -20.47
CA GLN D 70 -19.85 -15.24 -21.49
C GLN D 70 -20.18 -14.70 -22.92
N ARG D 71 -19.16 -14.54 -23.73
CA ARG D 71 -19.33 -14.15 -25.14
C ARG D 71 -18.35 -14.96 -25.90
N THR D 72 -18.73 -15.51 -27.06
CA THR D 72 -17.79 -16.30 -27.86
C THR D 72 -16.60 -15.46 -28.31
N LEU D 73 -15.43 -16.09 -28.41
CA LEU D 73 -14.21 -15.38 -28.73
C LEU D 73 -13.73 -14.33 -27.72
N HIS D 74 -14.30 -14.32 -26.49
CA HIS D 74 -13.89 -13.35 -25.52
C HIS D 74 -13.64 -14.14 -24.17
N TYR D 75 -12.91 -13.54 -23.28
CA TYR D 75 -12.69 -14.13 -21.91
C TYR D 75 -13.99 -13.95 -21.13
N GLU D 76 -14.13 -14.77 -20.08
CA GLU D 76 -15.23 -14.58 -19.13
C GLU D 76 -15.00 -13.46 -18.16
N CYS D 77 -16.10 -12.87 -17.72
CA CYS D 77 -16.15 -11.79 -16.75
C CYS D 77 -17.10 -12.20 -15.61
N ILE D 78 -16.77 -11.72 -14.44
CA ILE D 78 -17.56 -12.00 -13.22
C ILE D 78 -18.15 -10.63 -12.87
N VAL D 79 -19.48 -10.63 -12.76
CA VAL D 79 -20.19 -9.39 -12.60
C VAL D 79 -20.41 -9.10 -11.14
N LEU D 80 -19.85 -8.07 -10.59
CA LEU D 80 -19.99 -7.81 -9.17
C LEU D 80 -20.79 -6.57 -9.08
N VAL D 81 -21.12 -6.19 -7.82
CA VAL D 81 -21.81 -4.93 -7.52
C VAL D 81 -21.16 -4.19 -6.40
N LYS D 82 -21.19 -2.85 -6.47
CA LYS D 82 -20.71 -2.00 -5.33
C LYS D 82 -21.83 -1.18 -4.83
N GLN D 83 -21.89 -1.05 -3.51
CA GLN D 83 -22.95 -0.28 -2.87
C GLN D 83 -22.46 0.06 -1.49
N PHE D 84 -23.04 1.15 -0.96
CA PHE D 84 -22.84 1.56 0.40
C PHE D 84 -23.51 0.58 1.33
N ARG D 85 -22.76 0.13 2.35
CA ARG D 85 -23.31 -0.79 3.34
C ARG D 85 -23.24 -0.13 4.69
N PRO D 86 -24.41 0.27 5.22
CA PRO D 86 -24.48 0.94 6.49
C PRO D 86 -23.82 0.24 7.64
N PRO D 87 -23.97 -1.12 7.75
CA PRO D 87 -23.24 -1.69 8.84
C PRO D 87 -21.69 -1.53 8.74
N MET D 88 -21.17 -1.50 7.51
CA MET D 88 -19.72 -1.37 7.28
C MET D 88 -19.25 0.07 7.29
N GLY D 89 -20.18 1.02 7.31
CA GLY D 89 -19.74 2.41 7.14
C GLY D 89 -19.14 2.77 5.79
N GLY D 90 -19.35 1.98 4.74
CA GLY D 90 -18.65 2.31 3.54
C GLY D 90 -19.02 1.37 2.50
N TYR D 91 -18.38 1.51 1.35
CA TYR D 91 -18.76 0.87 0.18
C TYR D 91 -18.08 -0.54 0.15
N CYS D 92 -18.84 -1.53 -0.37
CA CYS D 92 -18.41 -2.88 -0.45
C CYS D 92 -18.62 -3.40 -1.84
N ILE D 93 -17.74 -4.34 -2.22
CA ILE D 93 -17.82 -4.98 -3.55
C ILE D 93 -18.24 -6.40 -3.25
N GLU D 94 -19.40 -6.75 -3.76
CA GLU D 94 -20.02 -8.07 -3.50
C GLU D 94 -20.54 -8.75 -4.70
N PHE D 95 -20.84 -10.05 -4.57
CA PHE D 95 -21.67 -10.68 -5.57
C PHE D 95 -23.08 -10.06 -5.46
N PRO D 96 -23.79 -9.95 -6.59
CA PRO D 96 -25.19 -9.45 -6.44
C PRO D 96 -26.01 -10.41 -5.56
N ALA D 97 -26.91 -9.84 -4.79
CA ALA D 97 -27.52 -10.62 -3.70
C ALA D 97 -28.72 -9.93 -3.21
N GLY D 98 -29.63 -10.73 -2.66
CA GLY D 98 -30.79 -10.13 -1.97
C GLY D 98 -31.50 -11.16 -1.12
N LEU D 99 -32.40 -10.69 -0.24
CA LEU D 99 -33.25 -11.64 0.52
C LEU D 99 -34.27 -12.29 -0.38
N ILE D 100 -34.65 -13.52 -0.02
CA ILE D 100 -35.59 -14.31 -0.82
C ILE D 100 -36.98 -13.89 -0.39
N ASP D 101 -37.84 -13.60 -1.37
CA ASP D 101 -39.25 -13.13 -1.12
C ASP D 101 -40.08 -14.32 -0.64
N ASP D 102 -41.06 -14.11 0.23
CA ASP D 102 -41.94 -15.26 0.66
C ASP D 102 -42.56 -15.88 -0.60
N GLY D 103 -42.49 -17.21 -0.71
CA GLY D 103 -42.99 -17.93 -1.87
C GLY D 103 -41.96 -18.34 -2.92
N GLU D 104 -41.06 -17.43 -3.26
CA GLU D 104 -40.22 -17.60 -4.46
C GLU D 104 -39.05 -18.54 -4.17
N THR D 105 -38.62 -19.27 -5.18
CA THR D 105 -37.58 -20.28 -5.00
C THR D 105 -36.22 -19.55 -4.98
N PRO D 106 -35.19 -20.17 -4.38
CA PRO D 106 -33.82 -19.59 -4.51
C PRO D 106 -33.41 -19.26 -5.98
N GLU D 107 -33.59 -20.19 -6.91
CA GLU D 107 -33.24 -19.94 -8.33
C GLU D 107 -33.97 -18.71 -8.89
N ALA D 108 -35.27 -18.52 -8.61
CA ALA D 108 -36.00 -17.40 -9.18
C ALA D 108 -35.54 -16.11 -8.50
N ALA D 109 -35.24 -16.21 -7.18
CA ALA D 109 -34.73 -15.02 -6.51
C ALA D 109 -33.37 -14.66 -7.13
N ALA D 110 -32.57 -15.67 -7.46
CA ALA D 110 -31.22 -15.39 -8.08
C ALA D 110 -31.43 -14.59 -9.39
N LEU D 111 -32.23 -15.16 -10.30
CA LEU D 111 -32.43 -14.42 -11.61
C LEU D 111 -33.06 -13.02 -11.44
N ARG D 112 -33.98 -12.88 -10.50
CA ARG D 112 -34.57 -11.56 -10.23
C ARG D 112 -33.64 -10.52 -9.69
N GLU D 113 -32.96 -10.85 -8.60
CA GLU D 113 -31.95 -9.99 -8.02
C GLU D 113 -30.80 -9.71 -9.04
N LEU D 114 -30.38 -10.67 -9.84
CA LEU D 114 -29.32 -10.36 -10.85
C LEU D 114 -29.85 -9.30 -11.84
N GLU D 115 -31.07 -9.51 -12.36
CA GLU D 115 -31.69 -8.52 -13.26
C GLU D 115 -31.90 -7.17 -12.55
N GLU D 116 -32.42 -7.18 -11.33
CA GLU D 116 -32.53 -5.87 -10.62
C GLU D 116 -31.26 -5.06 -10.40
N GLU D 117 -30.19 -5.74 -9.96
CA GLU D 117 -29.02 -5.08 -9.51
C GLU D 117 -28.05 -4.82 -10.67
N THR D 118 -28.17 -5.62 -11.72
CA THR D 118 -27.27 -5.53 -12.87
C THR D 118 -27.90 -5.34 -14.25
N GLY D 119 -29.16 -5.69 -14.44
CA GLY D 119 -29.79 -5.64 -15.79
C GLY D 119 -29.69 -6.94 -16.51
N TYR D 120 -28.73 -7.82 -16.15
CA TYR D 120 -28.56 -9.02 -16.93
C TYR D 120 -29.62 -10.10 -16.72
N LYS D 121 -29.91 -10.84 -17.79
CA LYS D 121 -30.79 -11.98 -17.82
C LYS D 121 -29.96 -13.23 -17.94
N GLY D 122 -29.90 -13.97 -16.81
CA GLY D 122 -29.10 -15.17 -16.75
C GLY D 122 -29.82 -16.45 -16.94
N ASP D 123 -29.05 -17.51 -17.01
CA ASP D 123 -29.52 -18.85 -16.96
C ASP D 123 -28.86 -19.47 -15.71
N ILE D 124 -29.62 -20.32 -15.06
CA ILE D 124 -29.15 -21.01 -13.88
C ILE D 124 -28.19 -22.08 -14.31
N ALA D 125 -26.99 -22.12 -13.71
CA ALA D 125 -26.05 -23.19 -13.93
C ALA D 125 -26.08 -24.13 -12.73
N GLU D 126 -26.16 -23.62 -11.51
CA GLU D 126 -26.22 -24.52 -10.33
C GLU D 126 -26.61 -23.73 -9.11
N CYS D 127 -27.07 -24.43 -8.08
CA CYS D 127 -27.55 -23.75 -6.91
C CYS D 127 -27.10 -24.54 -5.66
N SER D 128 -26.47 -23.85 -4.73
CA SER D 128 -25.93 -24.53 -3.55
C SER D 128 -27.10 -24.87 -2.59
N PRO D 129 -26.86 -25.81 -1.67
CA PRO D 129 -27.68 -25.84 -0.46
C PRO D 129 -27.48 -24.59 0.36
N ALA D 130 -28.25 -24.45 1.42
CA ALA D 130 -28.15 -23.27 2.22
C ALA D 130 -26.80 -23.31 2.95
N VAL D 131 -26.07 -22.17 2.89
CA VAL D 131 -24.70 -22.11 3.43
C VAL D 131 -24.65 -20.95 4.42
N CYS D 132 -23.78 -21.04 5.43
CA CYS D 132 -23.83 -20.15 6.57
C CYS D 132 -22.93 -18.93 6.35
N MET D 133 -23.50 -17.78 6.60
CA MET D 133 -22.75 -16.52 6.47
C MET D 133 -21.66 -16.22 7.53
N ASP D 134 -21.95 -16.43 8.83
CA ASP D 134 -21.00 -16.25 9.84
C ASP D 134 -21.45 -17.07 11.08
N PRO D 135 -21.09 -18.36 11.13
CA PRO D 135 -21.91 -19.27 11.94
C PRO D 135 -21.49 -19.12 13.38
N GLY D 136 -20.27 -18.60 13.67
CA GLY D 136 -19.89 -18.28 15.06
C GLY D 136 -20.67 -17.05 15.64
N LEU D 137 -21.51 -16.41 14.84
CA LEU D 137 -22.26 -15.22 15.25
C LEU D 137 -23.73 -15.21 14.96
N SER D 138 -24.14 -15.64 13.78
CA SER D 138 -25.49 -15.52 13.28
C SER D 138 -25.97 -16.86 12.71
N ASN D 139 -27.28 -17.01 12.57
CA ASN D 139 -27.80 -18.19 11.90
C ASN D 139 -27.98 -17.92 10.41
N CYS D 140 -27.48 -16.81 9.88
CA CYS D 140 -27.90 -16.35 8.53
C CYS D 140 -27.32 -17.29 7.52
N THR D 141 -28.16 -17.58 6.50
CA THR D 141 -27.76 -18.47 5.45
C THR D 141 -28.20 -17.86 4.08
N ILE D 142 -27.51 -18.36 3.05
CA ILE D 142 -27.89 -18.04 1.65
C ILE D 142 -27.81 -19.28 0.81
N HIS D 143 -28.38 -19.21 -0.40
CA HIS D 143 -28.01 -20.12 -1.44
C HIS D 143 -27.06 -19.33 -2.36
N ILE D 144 -25.93 -19.92 -2.70
CA ILE D 144 -25.04 -19.34 -3.73
C ILE D 144 -25.47 -19.95 -5.07
N VAL D 145 -25.91 -19.08 -6.04
CA VAL D 145 -26.45 -19.55 -7.28
C VAL D 145 -25.51 -19.13 -8.41
N THR D 146 -24.96 -20.10 -9.16
CA THR D 146 -24.02 -19.81 -10.27
C THR D 146 -24.93 -19.54 -11.47
N VAL D 147 -24.71 -18.45 -12.20
CA VAL D 147 -25.61 -17.96 -13.28
C VAL D 147 -24.78 -17.51 -14.47
N THR D 148 -25.00 -18.15 -15.61
CA THR D 148 -24.23 -17.80 -16.83
C THR D 148 -25.06 -16.73 -17.57
N ILE D 149 -24.38 -15.73 -18.15
CA ILE D 149 -25.07 -14.62 -18.82
C ILE D 149 -24.57 -14.81 -20.24
N ASN D 150 -25.49 -15.02 -21.19
CA ASN D 150 -25.12 -15.16 -22.62
C ASN D 150 -25.03 -13.75 -23.14
N GLY D 151 -23.81 -13.19 -23.09
CA GLY D 151 -23.55 -11.80 -23.46
C GLY D 151 -23.67 -11.59 -25.01
N ASP D 152 -23.86 -12.67 -25.80
CA ASP D 152 -24.13 -12.51 -27.27
C ASP D 152 -25.64 -12.50 -27.58
N ASP D 153 -26.48 -12.42 -26.55
CA ASP D 153 -27.91 -12.22 -26.75
C ASP D 153 -28.15 -10.74 -26.64
N ALA D 154 -29.08 -10.29 -27.50
CA ALA D 154 -29.41 -8.88 -27.64
C ALA D 154 -29.86 -8.28 -26.27
N GLU D 155 -30.65 -9.04 -25.52
CA GLU D 155 -31.15 -8.62 -24.20
C GLU D 155 -30.01 -8.33 -23.22
N ASN D 156 -28.87 -8.99 -23.41
CA ASN D 156 -27.65 -8.73 -22.62
C ASN D 156 -26.61 -7.85 -23.28
N ALA D 157 -26.96 -7.21 -24.40
CA ALA D 157 -26.05 -6.26 -25.06
C ALA D 157 -25.55 -5.15 -24.12
N ARG D 158 -26.48 -4.36 -23.58
CA ARG D 158 -26.13 -3.24 -22.71
C ARG D 158 -27.29 -3.00 -21.76
N PRO D 159 -27.67 -4.02 -20.98
CA PRO D 159 -28.77 -3.82 -20.02
C PRO D 159 -28.40 -2.81 -18.92
N LYS D 160 -29.43 -2.25 -18.27
CA LYS D 160 -29.27 -1.38 -17.07
C LYS D 160 -30.06 -1.93 -15.87
N PRO D 161 -29.55 -1.72 -14.65
CA PRO D 161 -30.28 -2.21 -13.45
C PRO D 161 -31.72 -1.66 -13.42
N LYS D 162 -32.65 -2.29 -12.67
CA LYS D 162 -33.86 -1.60 -12.21
C LYS D 162 -33.96 -1.72 -10.68
N PRO D 163 -33.32 -0.80 -9.96
CA PRO D 163 -33.27 -0.94 -8.51
C PRO D 163 -34.57 -0.48 -7.82
N GLY D 164 -34.90 -1.17 -6.72
CA GLY D 164 -35.95 -0.71 -5.81
C GLY D 164 -35.67 0.62 -5.15
N ASP D 165 -36.64 1.11 -4.38
CA ASP D 165 -36.52 2.39 -3.69
C ASP D 165 -35.45 2.28 -2.62
N GLY D 166 -34.67 3.34 -2.45
CA GLY D 166 -33.53 3.33 -1.52
C GLY D 166 -32.34 2.38 -1.77
N GLU D 167 -32.26 1.81 -2.96
CA GLU D 167 -31.17 0.89 -3.34
C GLU D 167 -30.38 1.53 -4.46
N PHE D 168 -29.06 1.57 -4.28
CA PHE D 168 -28.15 2.29 -5.20
C PHE D 168 -26.98 1.36 -5.40
N VAL D 169 -26.84 0.82 -6.61
CA VAL D 169 -25.82 -0.21 -6.88
C VAL D 169 -25.10 0.13 -8.17
N GLU D 170 -23.76 0.05 -8.17
CA GLU D 170 -22.92 0.19 -9.37
C GLU D 170 -22.44 -1.20 -9.79
N VAL D 171 -22.52 -1.51 -11.06
CA VAL D 171 -22.05 -2.79 -11.62
C VAL D 171 -20.56 -2.61 -11.84
N ILE D 172 -19.80 -3.65 -11.50
CA ILE D 172 -18.33 -3.72 -11.70
C ILE D 172 -18.08 -5.09 -12.29
N SER D 173 -17.76 -5.12 -13.57
CA SER D 173 -17.52 -6.35 -14.28
C SER D 173 -16.01 -6.54 -14.37
N LEU D 174 -15.47 -7.63 -13.84
CA LEU D 174 -14.01 -7.88 -13.80
C LEU D 174 -13.69 -9.17 -14.54
N PRO D 175 -12.55 -9.20 -15.25
CA PRO D 175 -12.15 -10.43 -15.88
C PRO D 175 -11.93 -11.51 -14.87
N LYS D 176 -12.53 -12.65 -15.16
CA LYS D 176 -12.41 -13.83 -14.36
C LYS D 176 -10.90 -14.24 -14.20
N ASN D 177 -10.19 -14.18 -15.31
CA ASN D 177 -8.81 -14.56 -15.38
C ASN D 177 -7.82 -13.74 -14.51
N ASP D 178 -8.18 -12.55 -14.05
CA ASP D 178 -7.31 -11.83 -13.22
C ASP D 178 -8.04 -11.28 -12.06
N LEU D 179 -9.05 -12.00 -11.55
CA LEU D 179 -9.92 -11.43 -10.56
C LEU D 179 -9.27 -10.99 -9.27
N LEU D 180 -8.41 -11.82 -8.69
CA LEU D 180 -7.80 -11.56 -7.47
C LEU D 180 -6.97 -10.28 -7.53
N GLN D 181 -6.17 -10.12 -8.62
CA GLN D 181 -5.27 -8.97 -8.76
C GLN D 181 -6.11 -7.68 -8.90
N ARG D 182 -7.17 -7.79 -9.65
CA ARG D 182 -8.06 -6.64 -9.82
C ARG D 182 -8.70 -6.24 -8.56
N LEU D 183 -9.14 -7.21 -7.79
CA LEU D 183 -9.62 -6.90 -6.44
C LEU D 183 -8.62 -6.25 -5.55
N ASP D 184 -7.43 -6.83 -5.49
CA ASP D 184 -6.36 -6.25 -4.62
C ASP D 184 -6.10 -4.79 -5.06
N ALA D 185 -6.14 -4.53 -6.37
CA ALA D 185 -5.84 -3.21 -6.91
C ALA D 185 -6.90 -2.18 -6.49
N LEU D 186 -8.18 -2.58 -6.58
CA LEU D 186 -9.28 -1.75 -6.08
C LEU D 186 -9.11 -1.41 -4.64
N VAL D 187 -8.75 -2.39 -3.82
CA VAL D 187 -8.52 -2.22 -2.44
C VAL D 187 -7.33 -1.32 -2.14
N ALA D 188 -6.30 -1.36 -3.00
CA ALA D 188 -5.12 -0.54 -2.78
C ALA D 188 -5.37 0.97 -3.04
N GLU D 189 -6.39 1.22 -3.87
CA GLU D 189 -6.61 2.53 -4.50
C GLU D 189 -7.87 3.21 -3.99
N GLU D 190 -8.86 2.45 -3.55
CA GLU D 190 -10.21 3.00 -3.26
C GLU D 190 -10.73 2.62 -1.90
N HIS D 191 -11.57 3.49 -1.33
CA HIS D 191 -12.14 3.39 0.01
C HIS D 191 -13.29 2.36 -0.19
N LEU D 192 -12.90 1.12 -0.15
CA LEU D 192 -13.95 0.08 -0.28
C LEU D 192 -13.44 -1.20 0.38
N THR D 193 -14.36 -2.11 0.65
CA THR D 193 -14.06 -3.42 1.25
C THR D 193 -14.62 -4.51 0.28
N VAL D 194 -13.85 -5.59 0.05
CA VAL D 194 -14.27 -6.63 -0.83
C VAL D 194 -14.91 -7.62 0.14
N ASP D 195 -15.94 -8.26 -0.32
CA ASP D 195 -16.59 -9.31 0.46
C ASP D 195 -15.74 -10.57 0.48
N ALA D 196 -15.78 -11.25 1.61
CA ALA D 196 -15.06 -12.47 1.81
C ALA D 196 -15.39 -13.61 0.89
N ARG D 197 -16.64 -13.69 0.45
N ARG D 197 -16.68 -13.73 0.51
CA ARG D 197 -17.04 -14.75 -0.46
CA ARG D 197 -17.11 -14.75 -0.49
C ARG D 197 -16.52 -14.47 -1.87
C ARG D 197 -16.43 -14.46 -1.84
N VAL D 198 -16.48 -13.20 -2.26
CA VAL D 198 -15.85 -12.80 -3.53
C VAL D 198 -14.31 -13.07 -3.51
N TYR D 199 -13.67 -12.81 -2.38
CA TYR D 199 -12.24 -12.91 -2.27
C TYR D 199 -11.87 -14.42 -2.25
N SER D 200 -12.69 -15.20 -1.58
CA SER D 200 -12.44 -16.64 -1.51
C SER D 200 -12.58 -17.24 -2.89
N TYR D 201 -13.61 -16.82 -3.66
CA TYR D 201 -13.78 -17.22 -5.09
C TYR D 201 -12.53 -16.87 -5.87
N ALA D 202 -12.08 -15.64 -5.74
CA ALA D 202 -10.95 -15.15 -6.48
C ALA D 202 -9.60 -15.97 -6.14
N LEU D 203 -9.39 -16.18 -4.83
CA LEU D 203 -8.31 -17.00 -4.36
C LEU D 203 -8.30 -18.36 -5.00
N ALA D 204 -9.45 -19.03 -4.97
CA ALA D 204 -9.57 -20.39 -5.55
C ALA D 204 -9.29 -20.46 -7.08
N LEU D 205 -9.62 -19.38 -7.83
CA LEU D 205 -9.29 -19.34 -9.25
C LEU D 205 -7.76 -19.40 -9.43
N LYS D 206 -7.02 -18.87 -8.47
CA LYS D 206 -5.57 -18.96 -8.53
C LYS D 206 -5.10 -20.30 -8.02
N HIS D 207 -5.70 -20.80 -6.94
CA HIS D 207 -5.20 -22.02 -6.34
C HIS D 207 -5.48 -23.31 -7.04
N ALA D 208 -6.55 -23.27 -7.82
CA ALA D 208 -6.90 -24.36 -8.72
C ALA D 208 -5.77 -24.92 -9.55
N ASN D 209 -5.81 -26.23 -9.68
CA ASN D 209 -4.89 -27.02 -10.52
C ASN D 209 -3.48 -27.12 -9.88
MG MG E . 11.25 17.94 -16.19
MG MG F . 9.56 19.64 -18.26
CL CL G . 13.33 4.72 12.13
C1 EDO H . 18.95 21.44 -10.95
O1 EDO H . 20.10 20.66 -11.37
C2 EDO H . 17.71 20.63 -11.26
O2 EDO H . 17.66 19.52 -10.34
C1 EDO I . 5.89 1.89 2.52
O1 EDO I . 4.86 1.22 1.80
C2 EDO I . 5.61 2.34 3.93
O2 EDO I . 4.30 2.89 4.03
C1 EDO J . 16.29 2.80 22.57
O1 EDO J . 17.51 2.68 21.86
C2 EDO J . 16.59 3.43 23.95
O2 EDO J . 17.28 4.71 23.81
MG MG K . 30.61 14.27 4.40
MG MG L . 33.71 12.05 5.80
C10 JJM M . 20.17 19.83 -21.12
N12 JJM M . 22.31 19.18 -20.88
C01 JJM M . 13.51 20.27 -23.08
C02 JJM M . 14.84 20.30 -23.73
C03 JJM M . 14.88 20.38 -25.13
C04 JJM M . 16.10 20.44 -25.76
C05 JJM M . 17.29 20.41 -25.02
C06 JJM M . 17.27 20.33 -23.59
C07 JJM M . 16.00 20.27 -22.94
N08 JJM M . 18.49 20.14 -22.83
C09 JJM M . 18.83 20.13 -21.45
C11 JJM M . 21.33 19.37 -21.78
N13 JJM M . 21.81 19.49 -19.65
C14 JJM M . 20.51 19.90 -19.72
N15 JJM M . 19.67 20.27 -18.64
C16 JJM M . 18.43 20.51 -19.10
N17 JJM M . 17.96 20.47 -20.39
C18 JJM M . 22.52 19.33 -18.41
C10 JJM N . 36.54 17.39 -3.69
N12 JJM N . 36.18 18.58 -5.59
C01 JJM N . 37.80 15.14 2.64
C02 JJM N . 38.58 15.87 1.61
C03 JJM N . 39.86 16.34 1.89
C04 JJM N . 40.56 17.08 0.93
C05 JJM N . 39.99 17.36 -0.33
C06 JJM N . 38.71 16.87 -0.64
C07 JJM N . 37.99 16.10 0.35
N08 JJM N . 38.10 17.21 -1.88
C09 JJM N . 36.89 16.82 -2.45
C11 JJM N . 37.03 18.42 -4.53
N13 JJM N . 35.15 17.69 -5.43
C14 JJM N . 35.31 16.95 -4.32
N15 JJM N . 34.47 16.04 -3.84
C16 JJM N . 34.91 15.58 -2.63
N17 JJM N . 36.04 15.89 -1.92
C18 JJM N . 33.98 17.68 -6.23
C1 EDO O . 27.37 12.23 -5.00
O1 EDO O . 27.72 13.49 -5.59
C2 EDO O . 27.30 12.32 -3.49
O2 EDO O . 26.11 13.03 -3.16
C1 EDO P . 7.75 -28.13 7.81
O1 EDO P . 6.48 -28.34 8.49
C2 EDO P . 7.93 -26.69 7.35
O2 EDO P . 9.08 -26.08 7.97
MG MG Q . -11.53 -20.29 17.44
MG MG R . -12.34 -21.18 15.69
C10 JJM S . -32.13 -3.89 6.20
N12 JJM S . -31.39 -3.62 8.36
C01 JJM S . -34.99 -3.86 -0.09
C02 JJM S . -34.60 -2.82 0.92
C03 JJM S . -34.77 -1.45 0.64
C04 JJM S . -34.45 -0.51 1.60
C05 JJM S . -33.93 -0.90 2.85
C06 JJM S . -33.70 -2.26 3.12
C07 JJM S . -34.06 -3.22 2.15
N08 JJM S . -33.10 -2.65 4.36
C09 JJM S . -32.63 -3.87 4.85
C11 JJM S . -32.11 -3.03 7.37
N13 JJM S . -30.97 -4.84 7.86
C14 JJM S . -31.39 -5.04 6.57
N15 JJM S . -31.13 -6.12 5.79
C16 JJM S . -31.68 -5.99 4.55
N17 JJM S . -32.40 -4.96 4.04
C18 JJM S . -30.15 -5.77 8.58
C1 EDO T . -27.61 -12.21 3.78
O1 EDO T . -26.21 -12.34 3.54
C2 EDO T . -27.92 -12.91 5.10
O2 EDO T . -27.58 -12.06 6.22
MG MG U . -28.77 -6.76 -2.88
MG MG V . -30.89 -6.70 -2.64
C10 JJM W . -19.01 -16.22 22.18
N12 JJM W . -21.11 -15.38 21.99
C01 JJM W . -13.23 -19.83 22.39
C02 JJM W . -14.36 -19.67 23.38
C03 JJM W . -14.42 -20.45 24.58
C04 JJM W . -15.48 -20.23 25.47
C05 JJM W . -16.50 -19.28 25.20
C06 JJM W . -16.46 -18.52 23.99
C07 JJM W . -15.36 -18.71 23.09
N08 JJM W . -17.59 -17.69 23.57
C09 JJM W . -17.76 -16.87 22.42
C11 JJM W . -20.28 -16.08 22.78
N13 JJM W . -20.39 -15.07 20.86
C14 JJM W . -19.14 -15.53 20.94
N15 JJM W . -18.16 -15.42 19.98
C16 JJM W . -17.03 -16.05 20.36
N17 JJM W . -16.77 -16.74 21.49
C18 JJM W . -20.95 -14.34 19.70
C1 EDO X . -15.64 -13.88 12.43
O1 EDO X . -16.15 -14.61 11.31
C2 EDO X . -16.23 -12.50 12.39
O2 EDO X . -17.56 -12.51 12.95
#